data_7JHL
#
_entry.id   7JHL
#
_cell.length_a   82.654
_cell.length_b   76.638
_cell.length_c   134.206
_cell.angle_alpha   90.000
_cell.angle_beta   105.270
_cell.angle_gamma   90.000
#
_symmetry.space_group_name_H-M   'I 1 2 1'
#
loop_
_entity.id
_entity.type
_entity.pdbx_description
1 polymer 'N-acetyllactosaminide beta-1,3-N-acetylglucosaminyltransferase 2'
2 branched alpha-D-mannopyranose-(1-3)-[alpha-D-mannopyranose-(1-6)]beta-D-mannopyranose-(1-4)-2-acetamido-2-deoxy-beta-D-glucopyranose-(1-4)-2-acetamido-2-deoxy-beta-D-glucopyranose
3 non-polymer 2-acetamido-2-deoxy-beta-D-glucopyranose
4 non-polymer URIDINE-DIPHOSPHATE-N-ACETYLGLUCOSAMINE
5 non-polymer 'MAGNESIUM ION'
6 non-polymer 'CHLORIDE ION'
7 non-polymer 'TRIETHYLENE GLYCOL'
8 water water
#
_entity_poly.entity_id   1
_entity_poly.type   'polypeptide(L)'
_entity_poly.pdbx_seq_one_letter_code
;MHHHHHHHHENLYFQGSKEKFWKISTPPEAYWNREQEKLNRQYNPILSMLTNQTGEAGRLSNISHLNYCEPDLRVTSVVT
GFNNLPDRFKDFLLYLRCRNYSLLIDQPDKCAKKPFLLLAIKSLTPHFARRQAIRESWGQESNAGNQTVVRVFLLGQTPP
EDNHPDLSDMLKFESEKHQDILMWNYRDTFFNLSLKEVLFLRWVSTSCPDTEFVFKGDDDVFVNTHHILNYLNSLSKTKA
KDLFIGDVIHNAGPHRDKKLKYYIPEVVYSGLYPPYAGGGGFLYSGHLALRLYHITDQVHLYPIDDVYTGMCLQKLGLVP
EKHKGFRTFDIEEKNKNNICSYVDLMLVHSRKPQEMIDIWSQLQSAHLKC
;
_entity_poly.pdbx_strand_id   A,B
#
# COMPACT_ATOMS: atom_id res chain seq x y z
N PRO A 28 -5.40 23.14 19.31
CA PRO A 28 -6.58 23.32 18.45
C PRO A 28 -7.68 24.10 19.14
N GLU A 29 -8.45 24.87 18.36
CA GLU A 29 -9.51 25.69 18.94
C GLU A 29 -10.85 24.95 19.01
N ALA A 30 -11.01 23.87 18.25
CA ALA A 30 -12.22 23.07 18.36
C ALA A 30 -12.21 22.26 19.65
N TYR A 31 -13.36 22.21 20.32
CA TYR A 31 -13.43 21.68 21.68
C TYR A 31 -13.07 20.19 21.73
N TRP A 32 -13.62 19.38 20.82
CA TRP A 32 -13.33 17.95 20.86
C TRP A 32 -11.83 17.70 20.65
N ASN A 33 -11.24 18.34 19.63
CA ASN A 33 -9.82 18.16 19.37
C ASN A 33 -8.99 18.60 20.57
N ARG A 34 -9.42 19.65 21.25
CA ARG A 34 -8.68 20.17 22.39
C ARG A 34 -8.76 19.22 23.58
N GLU A 35 -9.95 18.68 23.85
CA GLU A 35 -10.08 17.72 24.95
C GLU A 35 -9.43 16.39 24.60
N GLN A 36 -9.53 15.95 23.34
CA GLN A 36 -8.86 14.72 22.94
C GLN A 36 -7.35 14.84 23.07
N GLU A 37 -6.81 16.04 22.83
CA GLU A 37 -5.38 16.27 23.01
C GLU A 37 -4.99 16.11 24.48
N LYS A 38 -5.85 16.55 25.40
CA LYS A 38 -5.57 16.36 26.82
C LYS A 38 -5.62 14.89 27.21
N LEU A 39 -6.54 14.12 26.61
CA LEU A 39 -6.57 12.67 26.82
C LEU A 39 -5.27 12.02 26.37
N ASN A 40 -4.74 12.45 25.23
CA ASN A 40 -3.50 11.87 24.71
C ASN A 40 -2.34 12.09 25.68
N ARG A 41 -2.23 13.29 26.23
CA ARG A 41 -1.15 13.56 27.19
C ARG A 41 -1.31 12.71 28.45
N GLN A 42 -2.55 12.35 28.80
CA GLN A 42 -2.78 11.52 29.97
C GLN A 42 -2.40 10.06 29.75
N TYR A 43 -2.49 9.56 28.52
CA TYR A 43 -2.23 8.15 28.23
C TYR A 43 -0.90 7.91 27.56
N ASN A 44 -0.12 8.95 27.27
CA ASN A 44 1.14 8.81 26.54
C ASN A 44 2.23 9.62 27.23
N PRO A 45 3.09 8.98 28.01
CA PRO A 45 4.22 9.70 28.62
C PRO A 45 5.13 10.38 27.61
N ILE A 46 5.18 9.92 26.36
CA ILE A 46 6.04 10.54 25.37
C ILE A 46 5.67 11.99 25.07
N LEU A 47 4.48 12.43 25.50
CA LEU A 47 4.05 13.81 25.32
C LEU A 47 4.29 14.66 26.57
N SER A 48 5.13 14.18 27.50
CA SER A 48 5.36 14.92 28.74
C SER A 48 6.10 16.22 28.47
N MET A 49 7.01 16.24 27.52
CA MET A 49 7.85 17.40 27.25
C MET A 49 7.37 18.17 26.03
N ASN A 62 -9.15 17.57 36.02
CA ASN A 62 -8.92 16.69 37.15
C ASN A 62 -10.15 15.82 37.44
N ILE A 63 -11.28 16.19 36.84
CA ILE A 63 -12.48 15.35 36.90
C ILE A 63 -12.34 14.23 35.88
N SER A 64 -12.92 13.08 36.20
CA SER A 64 -12.86 11.94 35.30
C SER A 64 -13.53 12.24 33.97
N HIS A 65 -13.05 11.59 32.91
CA HIS A 65 -13.67 11.67 31.60
C HIS A 65 -14.53 10.46 31.30
N LEU A 66 -14.77 9.60 32.29
CA LEU A 66 -15.45 8.33 32.07
C LEU A 66 -16.66 8.15 32.98
N ASN A 67 -16.61 8.71 34.19
CA ASN A 67 -17.75 8.52 35.07
C ASN A 67 -18.14 9.81 35.79
N TYR A 68 -17.90 10.95 35.19
CA TYR A 68 -18.41 12.23 35.69
C TYR A 68 -19.76 12.47 35.03
N CYS A 69 -20.84 12.32 35.81
CA CYS A 69 -22.17 12.32 35.24
C CYS A 69 -23.01 13.53 35.65
N GLU A 70 -22.39 14.53 36.25
CA GLU A 70 -23.00 15.84 36.42
C GLU A 70 -22.72 16.71 35.21
N PRO A 71 -23.53 17.74 34.95
CA PRO A 71 -23.27 18.59 33.79
C PRO A 71 -21.93 19.28 33.90
N ASP A 72 -21.16 19.24 32.80
CA ASP A 72 -19.83 19.84 32.75
C ASP A 72 -19.98 21.30 32.36
N LEU A 73 -20.25 22.12 33.38
CA LEU A 73 -20.60 23.52 33.15
C LEU A 73 -19.46 24.33 32.54
N ARG A 74 -18.22 23.83 32.60
CA ARG A 74 -17.11 24.56 32.03
C ARG A 74 -17.27 24.77 30.52
N VAL A 75 -18.04 23.90 29.85
CA VAL A 75 -18.17 24.01 28.40
C VAL A 75 -18.93 25.27 27.99
N THR A 76 -19.87 25.74 28.84
CA THR A 76 -20.70 26.88 28.44
C THR A 76 -19.89 28.17 28.31
N SER A 77 -18.72 28.26 28.92
CA SER A 77 -17.84 29.40 28.72
C SER A 77 -16.64 29.09 27.82
N VAL A 78 -16.26 27.82 27.73
CA VAL A 78 -15.10 27.44 26.94
C VAL A 78 -15.44 27.34 25.45
N VAL A 79 -16.68 26.94 25.13
CA VAL A 79 -17.09 26.77 23.75
C VAL A 79 -17.77 28.06 23.28
N THR A 80 -17.21 28.67 22.24
CA THR A 80 -17.71 29.97 21.79
C THR A 80 -19.04 29.82 21.08
N GLY A 81 -20.04 30.57 21.53
CA GLY A 81 -21.36 30.48 20.96
C GLY A 81 -22.15 29.27 21.45
N PHE A 82 -21.86 28.81 22.66
CA PHE A 82 -22.47 27.58 23.17
C PHE A 82 -23.99 27.68 23.22
N ASN A 83 -24.51 28.81 23.71
CA ASN A 83 -25.95 28.89 23.95
C ASN A 83 -26.76 29.02 22.67
N ASN A 84 -26.12 29.22 21.52
CA ASN A 84 -26.79 29.25 20.23
C ASN A 84 -26.63 27.95 19.45
N LEU A 85 -26.02 26.92 20.06
CA LEU A 85 -25.91 25.64 19.40
C LEU A 85 -27.21 24.85 19.54
N PRO A 86 -27.50 23.96 18.60
CA PRO A 86 -28.67 23.09 18.76
C PRO A 86 -28.60 22.30 20.05
N ASP A 87 -29.77 21.89 20.56
CA ASP A 87 -29.83 21.25 21.86
C ASP A 87 -29.08 19.92 21.89
N ARG A 88 -29.02 19.21 20.76
CA ARG A 88 -28.30 17.94 20.78
C ARG A 88 -26.82 18.15 21.05
N PHE A 89 -26.24 19.23 20.54
CA PHE A 89 -24.85 19.54 20.83
C PHE A 89 -24.67 19.97 22.27
N LYS A 90 -25.63 20.73 22.81
CA LYS A 90 -25.57 21.13 24.21
C LYS A 90 -25.56 19.91 25.12
N ASP A 91 -26.47 18.97 24.89
CA ASP A 91 -26.50 17.76 25.70
C ASP A 91 -25.22 16.95 25.49
N PHE A 92 -24.73 16.88 24.25
CA PHE A 92 -23.53 16.09 24.00
C PHE A 92 -22.33 16.64 24.76
N LEU A 93 -22.14 17.95 24.72
CA LEU A 93 -20.99 18.56 25.40
C LEU A 93 -21.15 18.49 26.91
N LEU A 94 -22.36 18.69 27.41
CA LEU A 94 -22.58 18.76 28.86
C LEU A 94 -22.33 17.42 29.54
N TYR A 95 -22.70 16.32 28.88
CA TYR A 95 -22.63 15.00 29.49
C TYR A 95 -21.60 14.10 28.80
N LEU A 96 -20.63 14.72 28.13
CA LEU A 96 -19.61 14.00 27.37
C LEU A 96 -18.81 13.05 28.25
N ARG A 97 -18.66 13.34 29.54
CA ARG A 97 -17.72 12.64 30.38
C ARG A 97 -18.36 11.51 31.19
N CYS A 98 -19.56 11.09 30.82
CA CYS A 98 -20.28 10.02 31.50
C CYS A 98 -20.52 8.88 30.52
N ARG A 99 -20.01 7.69 30.85
CA ARG A 99 -20.30 6.52 30.03
C ARG A 99 -20.53 5.25 30.85
N ASN A 100 -20.66 5.35 32.17
CA ASN A 100 -20.91 4.19 33.02
C ASN A 100 -22.41 4.03 33.26
N TYR A 101 -23.10 3.54 32.24
CA TYR A 101 -24.53 3.29 32.33
C TYR A 101 -24.76 1.80 32.50
N SER A 102 -25.90 1.46 33.10
CA SER A 102 -26.19 0.09 33.49
C SER A 102 -27.15 -0.57 32.51
N LEU A 103 -27.10 -1.90 32.49
CA LEU A 103 -28.04 -2.69 31.71
C LEU A 103 -29.35 -2.82 32.47
N LEU A 104 -30.44 -2.38 31.86
CA LEU A 104 -31.77 -2.61 32.42
C LEU A 104 -32.38 -3.92 31.95
N ILE A 105 -32.05 -4.35 30.74
CA ILE A 105 -32.42 -5.66 30.24
C ILE A 105 -31.17 -6.31 29.68
N ASP A 106 -30.81 -7.46 30.23
CA ASP A 106 -29.61 -8.19 29.81
C ASP A 106 -29.98 -9.61 29.41
N GLN A 107 -29.11 -10.23 28.63
CA GLN A 107 -29.20 -11.65 28.27
C GLN A 107 -27.86 -12.27 28.63
N PRO A 108 -27.62 -12.55 29.92
CA PRO A 108 -26.28 -12.94 30.37
C PRO A 108 -25.79 -14.26 29.84
N ASP A 109 -26.67 -15.09 29.25
CA ASP A 109 -26.29 -16.40 28.74
C ASP A 109 -26.45 -16.47 27.23
N LYS A 110 -26.57 -15.31 26.57
CA LYS A 110 -26.65 -15.28 25.11
C LYS A 110 -25.48 -16.01 24.46
N CYS A 111 -24.31 -16.01 25.10
CA CYS A 111 -23.14 -16.66 24.56
C CYS A 111 -22.72 -17.87 25.39
N ALA A 112 -23.70 -18.56 25.98
CA ALA A 112 -23.41 -19.81 26.69
C ALA A 112 -22.76 -20.83 25.78
N LYS A 113 -23.23 -20.93 24.54
CA LYS A 113 -22.52 -21.68 23.51
C LYS A 113 -21.65 -20.70 22.73
N LYS A 114 -20.35 -21.00 22.64
CA LYS A 114 -19.38 -20.13 21.98
C LYS A 114 -19.85 -19.78 20.57
N PRO A 115 -20.19 -18.52 20.31
CA PRO A 115 -20.68 -18.15 18.98
C PRO A 115 -19.56 -18.08 17.96
N PHE A 116 -19.90 -18.42 16.73
CA PHE A 116 -19.06 -18.13 15.59
C PHE A 116 -19.31 -16.71 15.05
N LEU A 117 -20.57 -16.29 15.04
CA LEU A 117 -20.97 -14.98 14.55
C LEU A 117 -22.03 -14.39 15.46
N LEU A 118 -21.71 -13.25 16.08
CA LEU A 118 -22.64 -12.51 16.91
C LEU A 118 -23.22 -11.36 16.10
N LEU A 119 -24.53 -11.34 15.95
CA LEU A 119 -25.23 -10.26 15.24
C LEU A 119 -25.71 -9.24 16.27
N ALA A 120 -25.20 -8.02 16.16
CA ALA A 120 -25.57 -6.92 17.06
C ALA A 120 -26.25 -5.83 16.22
N ILE A 121 -27.54 -5.62 16.45
CA ILE A 121 -28.35 -4.72 15.63
C ILE A 121 -28.81 -3.56 16.48
N LYS A 122 -28.43 -2.34 16.09
CA LYS A 122 -28.88 -1.13 16.76
C LYS A 122 -30.35 -0.89 16.46
N SER A 123 -31.13 -0.64 17.50
CA SER A 123 -32.56 -0.45 17.31
C SER A 123 -33.07 0.57 18.32
N LEU A 124 -34.26 1.09 18.02
CA LEU A 124 -35.00 1.97 18.91
C LEU A 124 -36.26 1.25 19.38
N THR A 125 -36.66 1.52 20.61
CA THR A 125 -37.83 0.88 21.23
C THR A 125 -39.03 0.68 20.30
N PRO A 126 -39.54 1.70 19.59
CA PRO A 126 -40.77 1.48 18.80
C PRO A 126 -40.58 0.63 17.55
N HIS A 127 -39.36 0.22 17.21
CA HIS A 127 -39.13 -0.50 15.95
C HIS A 127 -39.45 -1.98 16.07
N PHE A 128 -40.66 -2.32 16.53
CA PHE A 128 -41.04 -3.71 16.72
C PHE A 128 -41.08 -4.47 15.40
N ALA A 129 -41.65 -3.86 14.36
CA ALA A 129 -41.75 -4.54 13.08
C ALA A 129 -40.37 -4.84 12.49
N ARG A 130 -39.41 -3.90 12.66
CA ARG A 130 -38.07 -4.11 12.12
C ARG A 130 -37.38 -5.27 12.80
N ARG A 131 -37.47 -5.33 14.13
CA ARG A 131 -36.81 -6.39 14.86
C ARG A 131 -37.43 -7.74 14.54
N GLN A 132 -38.75 -7.81 14.45
CA GLN A 132 -39.42 -9.08 14.15
C GLN A 132 -39.07 -9.56 12.76
N ALA A 133 -38.99 -8.64 11.78
CA ALA A 133 -38.61 -9.04 10.43
C ALA A 133 -37.18 -9.57 10.39
N ILE A 134 -36.30 -9.02 11.22
CA ILE A 134 -34.92 -9.50 11.26
C ILE A 134 -34.84 -10.87 11.92
N ARG A 135 -35.63 -11.09 12.98
CA ARG A 135 -35.69 -12.40 13.61
C ARG A 135 -36.10 -13.49 12.62
N GLU A 136 -37.08 -13.20 11.77
CA GLU A 136 -37.61 -14.20 10.85
C GLU A 136 -36.75 -14.38 9.61
N SER A 137 -35.88 -13.42 9.30
CA SER A 137 -35.13 -13.53 8.05
C SER A 137 -33.64 -13.64 8.33
N TRP A 138 -32.85 -12.62 7.99
CA TRP A 138 -31.40 -12.78 8.00
C TRP A 138 -30.81 -12.84 9.40
N GLY A 139 -31.56 -12.51 10.44
CA GLY A 139 -31.04 -12.53 11.78
C GLY A 139 -31.45 -13.72 12.62
N GLN A 140 -32.04 -14.75 12.02
CA GLN A 140 -32.43 -15.91 12.80
C GLN A 140 -31.21 -16.61 13.36
N GLU A 141 -31.32 -17.09 14.60
CA GLU A 141 -30.22 -17.83 15.22
C GLU A 141 -30.18 -19.23 14.63
N SER A 142 -28.97 -19.74 14.41
CA SER A 142 -28.81 -21.01 13.72
C SER A 142 -27.54 -21.69 14.21
N ASN A 143 -27.33 -22.92 13.73
CA ASN A 143 -26.21 -23.74 14.21
C ASN A 143 -25.70 -24.67 13.11
N ALA A 144 -25.87 -24.30 11.84
CA ALA A 144 -25.40 -25.12 10.74
C ALA A 144 -23.89 -25.30 10.81
N GLY A 145 -23.43 -26.54 10.65
CA GLY A 145 -22.02 -26.85 10.78
C GLY A 145 -21.46 -26.61 12.15
N ASN A 146 -22.30 -26.60 13.18
CA ASN A 146 -21.94 -26.23 14.55
C ASN A 146 -21.30 -24.84 14.62
N GLN A 147 -21.60 -23.98 13.66
CA GLN A 147 -21.14 -22.59 13.67
C GLN A 147 -22.30 -21.74 14.18
N THR A 148 -22.27 -21.43 15.48
CA THR A 148 -23.40 -20.82 16.15
C THR A 148 -23.51 -19.34 15.81
N VAL A 149 -24.70 -18.95 15.39
CA VAL A 149 -25.05 -17.55 15.11
C VAL A 149 -26.05 -17.12 16.16
N VAL A 150 -25.72 -16.06 16.91
CA VAL A 150 -26.58 -15.51 17.94
C VAL A 150 -26.85 -14.04 17.63
N ARG A 151 -27.94 -13.53 18.21
CA ARG A 151 -28.51 -12.24 17.85
C ARG A 151 -28.88 -11.45 19.10
N VAL A 152 -28.47 -10.18 19.15
CA VAL A 152 -28.94 -9.25 20.16
C VAL A 152 -29.31 -7.94 19.49
N PHE A 153 -30.37 -7.30 19.97
CA PHE A 153 -30.73 -5.93 19.60
C PHE A 153 -30.27 -4.97 20.70
N LEU A 154 -29.73 -3.83 20.28
CA LEU A 154 -29.10 -2.87 21.19
C LEU A 154 -30.00 -1.65 21.32
N LEU A 155 -30.55 -1.46 22.52
CA LEU A 155 -31.50 -0.38 22.78
C LEU A 155 -31.01 0.49 23.93
N GLY A 156 -31.26 1.80 23.81
CA GLY A 156 -31.27 2.68 24.95
C GLY A 156 -32.70 2.95 25.38
N GLN A 157 -32.86 3.97 26.22
CA GLN A 157 -34.18 4.30 26.76
C GLN A 157 -34.83 5.40 25.93
N THR A 158 -36.16 5.29 25.77
CA THR A 158 -37.01 6.31 25.16
C THR A 158 -37.93 6.86 26.25
N PRO A 159 -37.44 7.77 27.08
CA PRO A 159 -38.13 8.09 28.33
C PRO A 159 -39.31 9.02 28.11
N PRO A 160 -40.26 9.05 29.05
CA PRO A 160 -41.39 9.97 28.92
C PRO A 160 -40.99 11.44 28.96
N GLU A 161 -39.91 11.78 29.66
CA GLU A 161 -39.49 13.18 29.76
C GLU A 161 -39.23 13.79 28.41
N ASP A 162 -38.80 12.97 27.44
CA ASP A 162 -38.59 13.43 26.08
C ASP A 162 -39.80 13.15 25.18
N ASN A 163 -40.99 13.03 25.78
CA ASN A 163 -42.25 12.93 25.05
C ASN A 163 -42.36 11.64 24.24
N HIS A 164 -41.65 10.59 24.64
CA HIS A 164 -41.89 9.34 23.95
C HIS A 164 -43.15 8.68 24.47
N PRO A 165 -43.91 8.00 23.62
CA PRO A 165 -45.03 7.20 24.11
C PRO A 165 -44.54 6.06 24.97
N ASP A 166 -45.30 5.73 26.01
CA ASP A 166 -44.95 4.64 26.91
C ASP A 166 -45.21 3.32 26.22
N LEU A 167 -44.14 2.70 25.70
CA LEU A 167 -44.20 1.37 25.11
C LEU A 167 -43.45 0.34 25.97
N SER A 168 -43.29 0.62 27.26
CA SER A 168 -42.46 -0.23 28.11
C SER A 168 -43.07 -1.62 28.28
N ASP A 169 -44.39 -1.71 28.40
CA ASP A 169 -45.02 -3.01 28.57
C ASP A 169 -44.89 -3.88 27.33
N MET A 170 -45.00 -3.27 26.15
CA MET A 170 -44.78 -4.01 24.92
C MET A 170 -43.33 -4.47 24.81
N LEU A 171 -42.39 -3.61 25.23
CA LEU A 171 -40.99 -3.99 25.16
C LEU A 171 -40.67 -5.12 26.12
N LYS A 172 -41.25 -5.10 27.32
CA LYS A 172 -41.07 -6.19 28.27
C LYS A 172 -41.64 -7.49 27.70
N PHE A 173 -42.83 -7.41 27.12
CA PHE A 173 -43.43 -8.54 26.43
C PHE A 173 -42.49 -9.10 25.36
N GLU A 174 -42.00 -8.23 24.47
CA GLU A 174 -41.12 -8.67 23.40
C GLU A 174 -39.83 -9.28 23.96
N SER A 175 -39.31 -8.71 25.05
CA SER A 175 -38.07 -9.23 25.63
C SER A 175 -38.28 -10.62 26.25
N GLU A 176 -39.39 -10.81 26.96
CA GLU A 176 -39.64 -12.10 27.60
C GLU A 176 -39.87 -13.20 26.58
N LYS A 177 -40.44 -12.86 25.42
CA LYS A 177 -40.72 -13.88 24.41
C LYS A 177 -39.47 -14.23 23.60
N HIS A 178 -38.69 -13.23 23.19
CA HIS A 178 -37.61 -13.46 22.24
C HIS A 178 -36.22 -13.45 22.86
N GLN A 179 -36.05 -12.85 24.04
CA GLN A 179 -34.80 -12.95 24.80
C GLN A 179 -33.59 -12.47 23.99
N ASP A 180 -33.79 -11.43 23.17
CA ASP A 180 -32.69 -10.91 22.37
C ASP A 180 -32.54 -9.38 22.50
N ILE A 181 -33.04 -8.80 23.59
CA ILE A 181 -33.02 -7.37 23.81
C ILE A 181 -32.01 -7.05 24.89
N LEU A 182 -31.01 -6.25 24.55
CA LEU A 182 -30.14 -5.59 25.53
C LEU A 182 -30.53 -4.13 25.60
N MET A 183 -30.76 -3.63 26.81
N MET A 183 -30.79 -3.64 26.81
CA MET A 183 -31.21 -2.26 26.99
CA MET A 183 -31.21 -2.26 27.00
C MET A 183 -30.45 -1.60 28.14
C MET A 183 -30.41 -1.63 28.13
N TRP A 184 -29.83 -0.47 27.86
CA TRP A 184 -29.10 0.33 28.85
C TRP A 184 -29.92 1.55 29.25
N ASN A 185 -29.52 2.17 30.36
N ASN A 185 -29.52 2.18 30.36
CA ASN A 185 -30.25 3.29 30.95
CA ASN A 185 -30.31 3.27 30.95
C ASN A 185 -29.60 4.62 30.55
C ASN A 185 -29.78 4.65 30.54
N TYR A 186 -29.65 4.91 29.25
CA TYR A 186 -29.29 6.23 28.75
C TYR A 186 -30.31 6.61 27.68
N ARG A 187 -30.42 7.91 27.40
CA ARG A 187 -31.32 8.40 26.37
C ARG A 187 -30.85 7.93 25.00
N ASP A 188 -31.63 7.06 24.35
CA ASP A 188 -31.30 6.59 23.01
C ASP A 188 -31.56 7.71 22.00
N THR A 189 -30.49 8.33 21.50
CA THR A 189 -30.57 9.39 20.51
C THR A 189 -29.45 9.20 19.50
N PHE A 190 -29.54 9.92 18.38
CA PHE A 190 -28.50 9.82 17.35
C PHE A 190 -27.13 10.19 17.91
N PHE A 191 -27.06 11.27 18.68
CA PHE A 191 -25.76 11.72 19.18
C PHE A 191 -25.24 10.88 20.34
N ASN A 192 -26.03 9.94 20.85
CA ASN A 192 -25.56 9.00 21.86
C ASN A 192 -25.25 7.62 21.29
N LEU A 193 -25.18 7.49 19.96
CA LEU A 193 -24.93 6.18 19.35
C LEU A 193 -23.50 5.70 19.59
N SER A 194 -22.54 6.62 19.74
CA SER A 194 -21.19 6.16 20.08
C SER A 194 -21.15 5.63 21.49
N LEU A 195 -22.05 6.11 22.35
CA LEU A 195 -22.23 5.53 23.67
C LEU A 195 -22.84 4.13 23.56
N LYS A 196 -23.77 3.95 22.63
CA LYS A 196 -24.31 2.61 22.37
C LYS A 196 -23.20 1.66 21.93
N GLU A 197 -22.24 2.16 21.14
CA GLU A 197 -21.13 1.34 20.69
C GLU A 197 -20.22 0.93 21.85
N VAL A 198 -19.84 1.90 22.71
CA VAL A 198 -18.94 1.60 23.81
C VAL A 198 -19.59 0.65 24.82
N LEU A 199 -20.86 0.91 25.16
CA LEU A 199 -21.56 0.02 26.08
C LEU A 199 -21.72 -1.39 25.50
N PHE A 200 -21.92 -1.51 24.19
CA PHE A 200 -22.01 -2.83 23.60
C PHE A 200 -20.66 -3.54 23.63
N LEU A 201 -19.59 -2.83 23.28
CA LEU A 201 -18.25 -3.42 23.37
C LEU A 201 -17.93 -3.81 24.81
N ARG A 202 -18.41 -3.05 25.79
CA ARG A 202 -18.26 -3.48 27.18
C ARG A 202 -18.98 -4.80 27.43
N TRP A 203 -20.19 -4.93 26.88
CA TRP A 203 -20.95 -6.17 27.06
C TRP A 203 -20.24 -7.35 26.39
N VAL A 204 -19.64 -7.13 25.23
CA VAL A 204 -18.90 -8.21 24.58
C VAL A 204 -17.75 -8.65 25.47
N SER A 205 -17.05 -7.70 26.08
N SER A 205 -17.06 -7.69 26.09
CA SER A 205 -15.90 -8.04 26.91
CA SER A 205 -15.89 -8.03 26.90
C SER A 205 -16.30 -8.83 28.15
C SER A 205 -16.26 -8.74 28.21
N THR A 206 -17.48 -8.55 28.71
CA THR A 206 -17.89 -9.18 29.96
C THR A 206 -18.78 -10.39 29.76
N SER A 207 -19.53 -10.45 28.67
CA SER A 207 -20.56 -11.47 28.49
C SER A 207 -20.45 -12.26 27.20
N CYS A 208 -19.55 -11.87 26.29
CA CYS A 208 -19.37 -12.65 25.06
C CYS A 208 -17.95 -12.57 24.53
N PRO A 209 -16.91 -12.71 25.37
CA PRO A 209 -15.54 -12.45 24.89
C PRO A 209 -15.00 -13.51 23.96
N ASP A 210 -15.69 -14.64 23.81
CA ASP A 210 -15.19 -15.76 23.01
C ASP A 210 -15.79 -15.81 21.62
N THR A 211 -16.71 -14.91 21.29
CA THR A 211 -17.29 -14.94 19.95
C THR A 211 -16.20 -14.74 18.92
N GLU A 212 -16.24 -15.55 17.86
CA GLU A 212 -15.18 -15.47 16.87
C GLU A 212 -15.31 -14.20 16.02
N PHE A 213 -16.54 -13.85 15.64
CA PHE A 213 -16.77 -12.67 14.82
C PHE A 213 -18.00 -11.93 15.30
N VAL A 214 -18.04 -10.65 14.97
CA VAL A 214 -19.15 -9.76 15.30
C VAL A 214 -19.58 -9.04 14.04
N PHE A 215 -20.88 -9.04 13.76
CA PHE A 215 -21.47 -8.14 12.79
C PHE A 215 -22.31 -7.12 13.54
N LYS A 216 -22.00 -5.84 13.33
CA LYS A 216 -22.78 -4.75 13.92
C LYS A 216 -23.38 -3.93 12.80
N GLY A 217 -24.70 -3.75 12.82
CA GLY A 217 -25.38 -3.03 11.77
C GLY A 217 -26.67 -2.39 12.27
N ASP A 218 -27.38 -1.78 11.33
CA ASP A 218 -28.62 -1.08 11.58
C ASP A 218 -29.82 -2.02 11.43
N ASP A 219 -30.99 -1.55 11.85
CA ASP A 219 -32.20 -2.37 11.75
C ASP A 219 -33.00 -2.09 10.48
N ASP A 220 -32.43 -1.34 9.54
CA ASP A 220 -33.09 -1.10 8.25
C ASP A 220 -32.24 -1.61 7.08
N VAL A 221 -31.37 -2.59 7.31
CA VAL A 221 -30.54 -3.13 6.23
C VAL A 221 -30.87 -4.59 6.04
N PHE A 222 -30.76 -5.06 4.80
CA PHE A 222 -30.79 -6.48 4.52
C PHE A 222 -29.37 -7.01 4.54
N VAL A 223 -29.14 -8.09 5.28
CA VAL A 223 -27.83 -8.72 5.37
C VAL A 223 -27.90 -10.13 4.78
N ASN A 224 -26.93 -10.47 3.94
CA ASN A 224 -26.86 -11.83 3.38
C ASN A 224 -26.01 -12.65 4.34
N THR A 225 -26.65 -13.22 5.36
CA THR A 225 -25.91 -13.92 6.40
C THR A 225 -25.21 -15.17 5.86
N HIS A 226 -25.82 -15.85 4.89
CA HIS A 226 -25.17 -17.01 4.29
C HIS A 226 -23.89 -16.61 3.59
N HIS A 227 -23.92 -15.50 2.84
CA HIS A 227 -22.71 -15.05 2.17
C HIS A 227 -21.64 -14.60 3.16
N ILE A 228 -22.04 -14.02 4.30
CA ILE A 228 -21.07 -13.61 5.30
C ILE A 228 -20.37 -14.82 5.90
N LEU A 229 -21.14 -15.87 6.22
CA LEU A 229 -20.54 -17.07 6.81
C LEU A 229 -19.56 -17.73 5.84
N ASN A 230 -19.92 -17.79 4.55
CA ASN A 230 -18.99 -18.34 3.56
C ASN A 230 -17.72 -17.51 3.48
N TYR A 231 -17.85 -16.18 3.64
CA TYR A 231 -16.68 -15.32 3.60
C TYR A 231 -15.78 -15.54 4.80
N LEU A 232 -16.38 -15.71 5.98
CA LEU A 232 -15.60 -15.93 7.19
C LEU A 232 -14.84 -17.25 7.12
N ASN A 233 -15.47 -18.29 6.58
CA ASN A 233 -14.81 -19.59 6.47
C ASN A 233 -13.74 -19.64 5.39
N SER A 234 -13.63 -18.61 4.55
CA SER A 234 -12.57 -18.52 3.55
C SER A 234 -11.39 -17.67 4.02
N LEU A 235 -11.40 -17.23 5.28
CA LEU A 235 -10.37 -16.36 5.82
C LEU A 235 -9.31 -17.18 6.54
N SER A 236 -8.05 -16.88 6.26
CA SER A 236 -6.99 -17.45 7.08
C SER A 236 -7.09 -16.89 8.50
N LYS A 237 -6.46 -17.59 9.45
CA LYS A 237 -6.45 -17.11 10.82
C LYS A 237 -5.62 -15.83 10.96
N THR A 238 -4.62 -15.67 10.10
CA THR A 238 -3.82 -14.44 10.10
C THR A 238 -4.69 -13.24 9.73
N LYS A 239 -5.51 -13.39 8.70
CA LYS A 239 -6.36 -12.29 8.24
C LYS A 239 -7.58 -12.10 9.15
N ALA A 240 -8.10 -13.18 9.72
CA ALA A 240 -9.28 -13.08 10.57
C ALA A 240 -8.98 -12.35 11.88
N LYS A 241 -7.73 -12.31 12.31
CA LYS A 241 -7.42 -11.87 13.67
C LYS A 241 -7.75 -10.39 13.88
N ASP A 242 -7.42 -9.53 12.91
CA ASP A 242 -7.70 -8.10 12.98
C ASP A 242 -8.68 -7.70 11.89
N LEU A 243 -9.62 -8.59 11.58
CA LEU A 243 -10.61 -8.31 10.55
C LEU A 243 -11.45 -7.09 10.92
N PHE A 244 -11.58 -6.15 9.99
CA PHE A 244 -12.57 -5.09 10.10
C PHE A 244 -12.87 -4.62 8.68
N ILE A 245 -14.02 -5.03 8.15
CA ILE A 245 -14.38 -4.68 6.78
C ILE A 245 -15.75 -4.01 6.77
N GLY A 246 -15.94 -3.15 5.77
CA GLY A 246 -17.21 -2.50 5.57
C GLY A 246 -17.11 -1.61 4.35
N ASP A 247 -18.05 -0.66 4.25
CA ASP A 247 -17.99 0.39 3.23
C ASP A 247 -17.19 1.55 3.80
N VAL A 248 -15.88 1.54 3.55
CA VAL A 248 -14.95 2.44 4.22
C VAL A 248 -14.87 3.76 3.47
N ILE A 249 -14.92 4.86 4.22
CA ILE A 249 -14.87 6.22 3.67
C ILE A 249 -13.53 6.83 4.07
N HIS A 250 -12.80 7.34 3.08
CA HIS A 250 -11.48 7.94 3.29
C HIS A 250 -11.55 9.45 3.06
N ASN A 251 -10.80 10.18 3.88
CA ASN A 251 -10.61 11.63 3.71
C ASN A 251 -11.95 12.37 3.69
N ALA A 252 -12.78 12.07 4.68
CA ALA A 252 -14.01 12.81 4.90
C ALA A 252 -13.81 13.79 6.06
N GLY A 253 -14.74 14.74 6.16
CA GLY A 253 -14.69 15.73 7.20
C GLY A 253 -16.07 16.12 7.66
N PRO A 254 -16.16 16.87 8.75
CA PRO A 254 -17.46 17.31 9.24
C PRO A 254 -18.17 18.19 8.23
N HIS A 255 -19.45 17.93 8.00
CA HIS A 255 -20.29 18.85 7.25
C HIS A 255 -20.49 20.13 8.06
N ARG A 256 -20.33 21.27 7.39
CA ARG A 256 -20.52 22.55 8.05
C ARG A 256 -21.86 23.20 7.72
N ASP A 257 -22.67 22.56 6.89
CA ASP A 257 -24.00 23.07 6.54
C ASP A 257 -24.95 22.79 7.71
N LYS A 258 -25.42 23.87 8.35
CA LYS A 258 -26.24 23.72 9.55
C LYS A 258 -27.57 23.03 9.28
N LYS A 259 -27.97 22.90 8.03
CA LYS A 259 -29.24 22.25 7.69
C LYS A 259 -29.13 20.75 7.53
N LEU A 260 -27.91 20.20 7.55
CA LEU A 260 -27.72 18.80 7.24
C LEU A 260 -27.70 17.94 8.51
N LYS A 261 -27.96 16.64 8.34
CA LYS A 261 -28.11 15.75 9.47
C LYS A 261 -26.79 15.57 10.22
N TYR A 262 -25.67 15.53 9.50
CA TYR A 262 -24.36 15.31 10.09
C TYR A 262 -23.57 16.60 10.24
N TYR A 263 -24.27 17.71 10.44
CA TYR A 263 -23.61 19.00 10.66
C TYR A 263 -22.81 18.98 11.95
N ILE A 264 -21.61 19.56 11.90
CA ILE A 264 -20.75 19.71 13.05
C ILE A 264 -20.22 21.14 13.06
N PRO A 265 -20.47 21.94 14.10
CA PRO A 265 -19.89 23.28 14.16
C PRO A 265 -18.38 23.23 14.19
N GLU A 266 -17.74 24.30 13.72
CA GLU A 266 -16.29 24.37 13.74
C GLU A 266 -15.72 24.54 15.14
N VAL A 267 -16.53 25.08 16.06
CA VAL A 267 -16.07 25.20 17.45
C VAL A 267 -16.13 23.86 18.18
N VAL A 268 -16.67 22.83 17.54
CA VAL A 268 -16.76 21.50 18.14
C VAL A 268 -15.68 20.56 17.61
N TYR A 269 -15.51 20.50 16.29
CA TYR A 269 -14.51 19.63 15.69
C TYR A 269 -13.91 20.28 14.45
N SER A 270 -12.61 20.10 14.26
CA SER A 270 -11.88 20.62 13.11
C SER A 270 -11.01 19.54 12.51
N GLY A 271 -10.78 19.64 11.22
CA GLY A 271 -9.93 18.70 10.54
C GLY A 271 -10.71 17.54 9.93
N LEU A 272 -9.97 16.59 9.39
CA LEU A 272 -10.57 15.48 8.69
C LEU A 272 -10.93 14.35 9.65
N TYR A 273 -11.85 13.50 9.21
CA TYR A 273 -12.17 12.27 9.90
C TYR A 273 -11.17 11.18 9.52
N PRO A 274 -10.85 10.29 10.45
CA PRO A 274 -10.09 9.09 10.08
C PRO A 274 -10.91 8.20 9.16
N PRO A 275 -10.28 7.25 8.47
CA PRO A 275 -11.07 6.31 7.65
C PRO A 275 -12.02 5.53 8.54
N TYR A 276 -13.23 5.28 8.04
CA TYR A 276 -14.22 4.58 8.83
C TYR A 276 -15.22 3.88 7.93
N ALA A 277 -15.73 2.75 8.41
CA ALA A 277 -16.77 2.03 7.70
C ALA A 277 -18.13 2.65 7.99
N GLY A 278 -18.93 2.80 6.93
CA GLY A 278 -20.30 3.24 7.08
C GLY A 278 -21.02 2.40 8.12
N GLY A 279 -21.76 3.06 9.00
CA GLY A 279 -22.34 2.36 10.13
C GLY A 279 -23.47 1.41 9.78
N GLY A 280 -23.97 1.45 8.54
CA GLY A 280 -25.03 0.54 8.14
C GLY A 280 -24.72 -0.90 8.50
N GLY A 281 -23.44 -1.25 8.50
CA GLY A 281 -23.01 -2.55 8.97
C GLY A 281 -21.54 -2.78 8.68
N PHE A 282 -20.83 -3.35 9.64
CA PHE A 282 -19.46 -3.76 9.40
C PHE A 282 -19.21 -5.06 10.16
N LEU A 283 -18.12 -5.72 9.79
CA LEU A 283 -17.81 -7.06 10.25
C LEU A 283 -16.40 -7.09 10.79
N TYR A 284 -16.25 -7.60 12.02
CA TYR A 284 -14.93 -7.63 12.63
C TYR A 284 -14.83 -8.81 13.59
N SER A 285 -13.59 -9.13 13.97
CA SER A 285 -13.35 -10.31 14.77
C SER A 285 -13.60 -10.01 16.24
N GLY A 286 -13.92 -11.07 17.00
CA GLY A 286 -14.07 -10.91 18.43
C GLY A 286 -12.79 -10.45 19.10
N HIS A 287 -11.65 -10.96 18.64
CA HIS A 287 -10.37 -10.52 19.19
C HIS A 287 -10.20 -9.01 19.04
N LEU A 288 -10.51 -8.48 17.85
CA LEU A 288 -10.43 -7.03 17.67
C LEU A 288 -11.48 -6.30 18.50
N ALA A 289 -12.64 -6.92 18.74
CA ALA A 289 -13.66 -6.30 19.57
C ALA A 289 -13.14 -6.07 20.99
N LEU A 290 -12.39 -7.03 21.53
CA LEU A 290 -11.83 -6.87 22.87
C LEU A 290 -10.77 -5.76 22.89
N ARG A 291 -9.95 -5.69 21.84
CA ARG A 291 -8.96 -4.62 21.76
C ARG A 291 -9.62 -3.25 21.59
N LEU A 292 -10.67 -3.17 20.77
CA LEU A 292 -11.38 -1.91 20.59
C LEU A 292 -11.98 -1.43 21.89
N TYR A 293 -12.58 -2.33 22.67
CA TYR A 293 -13.18 -1.90 23.93
C TYR A 293 -12.13 -1.30 24.85
N HIS A 294 -10.96 -1.95 24.94
N HIS A 294 -10.95 -1.91 24.93
CA HIS A 294 -9.89 -1.46 25.81
CA HIS A 294 -9.94 -1.40 25.86
C HIS A 294 -9.45 -0.06 25.41
C HIS A 294 -9.38 -0.07 25.41
N ILE A 295 -9.41 0.22 24.11
CA ILE A 295 -8.94 1.52 23.64
C ILE A 295 -9.98 2.62 23.78
N THR A 296 -11.27 2.29 23.97
CA THR A 296 -12.30 3.34 24.00
C THR A 296 -12.09 4.33 25.14
N ASP A 297 -11.41 3.90 26.22
CA ASP A 297 -11.12 4.83 27.31
C ASP A 297 -10.25 6.00 26.85
N GLN A 298 -9.45 5.80 25.80
CA GLN A 298 -8.52 6.83 25.34
C GLN A 298 -9.09 7.72 24.24
N VAL A 299 -10.33 7.52 23.83
CA VAL A 299 -10.97 8.35 22.81
C VAL A 299 -12.26 8.91 23.37
N HIS A 300 -12.35 10.25 23.42
CA HIS A 300 -13.61 10.91 23.78
C HIS A 300 -14.71 10.53 22.81
N LEU A 301 -15.93 10.42 23.34
CA LEU A 301 -17.08 10.11 22.49
C LEU A 301 -17.26 11.18 21.41
N TYR A 302 -17.88 10.79 20.31
CA TYR A 302 -18.09 11.66 19.18
C TYR A 302 -19.53 11.52 18.68
N PRO A 303 -20.17 12.60 18.23
CA PRO A 303 -21.61 12.54 17.91
C PRO A 303 -21.95 11.60 16.78
N ILE A 304 -21.00 11.19 15.95
CA ILE A 304 -21.25 10.28 14.84
C ILE A 304 -20.58 8.95 15.18
N ASP A 305 -21.40 7.91 15.38
CA ASP A 305 -20.91 6.70 16.01
C ASP A 305 -19.92 5.94 15.12
N ASP A 306 -20.14 5.92 13.81
CA ASP A 306 -19.21 5.20 12.95
C ASP A 306 -17.91 5.96 12.75
N VAL A 307 -17.92 7.28 12.88
CA VAL A 307 -16.66 8.02 12.93
C VAL A 307 -15.87 7.65 14.19
N TYR A 308 -16.56 7.54 15.32
CA TYR A 308 -15.89 7.21 16.58
C TYR A 308 -15.19 5.85 16.50
N THR A 309 -15.84 4.86 15.87
CA THR A 309 -15.21 3.55 15.72
C THR A 309 -13.95 3.65 14.86
N GLY A 310 -13.97 4.52 13.84
CA GLY A 310 -12.78 4.75 13.05
C GLY A 310 -11.66 5.39 13.85
N MET A 311 -12.01 6.34 14.73
CA MET A 311 -11.01 6.94 15.61
C MET A 311 -10.37 5.89 16.52
N CYS A 312 -11.17 4.92 16.99
CA CYS A 312 -10.63 3.88 17.85
C CYS A 312 -9.73 2.94 17.05
N LEU A 313 -10.14 2.58 15.83
CA LEU A 313 -9.29 1.74 14.99
C LEU A 313 -7.96 2.41 14.72
N GLN A 314 -7.99 3.70 14.39
CA GLN A 314 -6.77 4.44 14.13
C GLN A 314 -5.85 4.45 15.34
N LYS A 315 -6.42 4.54 16.55
CA LYS A 315 -5.60 4.54 17.76
C LYS A 315 -4.97 3.17 17.99
N LEU A 316 -5.60 2.10 17.52
CA LEU A 316 -5.00 0.78 17.57
C LEU A 316 -3.95 0.56 16.48
N GLY A 317 -3.75 1.54 15.60
CA GLY A 317 -2.85 1.36 14.48
C GLY A 317 -3.42 0.56 13.34
N LEU A 318 -4.74 0.51 13.18
CA LEU A 318 -5.38 -0.28 12.15
C LEU A 318 -6.16 0.61 11.20
N VAL A 319 -6.34 0.13 9.98
CA VAL A 319 -7.14 0.82 8.97
C VAL A 319 -8.28 -0.11 8.57
N PRO A 320 -9.54 0.31 8.67
CA PRO A 320 -10.63 -0.54 8.18
C PRO A 320 -10.52 -0.78 6.69
N GLU A 321 -10.98 -1.94 6.26
CA GLU A 321 -10.80 -2.41 4.90
C GLU A 321 -12.13 -2.33 4.14
N LYS A 322 -12.10 -1.63 3.00
CA LYS A 322 -13.27 -1.59 2.14
C LYS A 322 -13.53 -2.96 1.53
N HIS A 323 -14.80 -3.37 1.54
CA HIS A 323 -15.25 -4.59 0.88
C HIS A 323 -16.42 -4.24 -0.03
N LYS A 324 -16.35 -4.68 -1.28
CA LYS A 324 -17.33 -4.26 -2.29
C LYS A 324 -18.74 -4.77 -2.00
N GLY A 325 -18.90 -5.75 -1.11
CA GLY A 325 -20.21 -6.30 -0.83
C GLY A 325 -21.11 -5.47 0.08
N PHE A 326 -20.60 -4.37 0.63
CA PHE A 326 -21.34 -3.51 1.55
C PHE A 326 -21.92 -2.34 0.77
N ARG A 327 -23.24 -2.36 0.54
CA ARG A 327 -23.92 -1.32 -0.23
C ARG A 327 -24.71 -0.41 0.71
N THR A 328 -24.01 0.57 1.27
CA THR A 328 -24.68 1.54 2.11
C THR A 328 -25.54 2.51 1.30
N PHE A 329 -25.40 2.54 -0.03
CA PHE A 329 -26.20 3.39 -0.89
C PHE A 329 -27.02 2.60 -1.90
N ASP A 330 -27.43 1.39 -1.50
CA ASP A 330 -28.33 0.56 -2.29
C ASP A 330 -27.70 0.13 -3.61
N ILE A 331 -28.46 -0.61 -4.41
CA ILE A 331 -27.98 -1.08 -5.71
C ILE A 331 -28.82 -0.41 -6.79
N GLU A 332 -28.50 -0.69 -8.05
CA GLU A 332 -29.14 0.01 -9.15
C GLU A 332 -30.60 -0.41 -9.28
N GLU A 333 -31.40 0.52 -9.79
CA GLU A 333 -32.86 0.39 -9.78
C GLU A 333 -33.34 -0.94 -10.35
N LYS A 334 -32.89 -1.29 -11.56
CA LYS A 334 -33.38 -2.50 -12.22
C LYS A 334 -32.91 -3.76 -11.49
N ASN A 335 -31.75 -3.70 -10.83
CA ASN A 335 -31.22 -4.88 -10.16
C ASN A 335 -32.02 -5.22 -8.90
N LYS A 336 -32.78 -4.24 -8.36
CA LYS A 336 -33.51 -4.47 -7.12
C LYS A 336 -34.54 -5.58 -7.26
N ASN A 337 -35.04 -5.83 -8.48
CA ASN A 337 -36.08 -6.84 -8.67
C ASN A 337 -35.51 -8.24 -8.84
N ASN A 338 -34.23 -8.36 -9.18
CA ASN A 338 -33.63 -9.67 -9.46
C ASN A 338 -32.91 -10.19 -8.22
N ILE A 339 -33.39 -11.33 -7.70
CA ILE A 339 -32.80 -11.91 -6.50
C ILE A 339 -31.33 -12.23 -6.71
N CYS A 340 -30.90 -12.46 -7.96
CA CYS A 340 -29.51 -12.78 -8.21
C CYS A 340 -28.58 -11.62 -7.87
N SER A 341 -29.09 -10.38 -7.87
CA SER A 341 -28.29 -9.23 -7.48
C SER A 341 -27.88 -9.28 -6.01
N TYR A 342 -28.52 -10.12 -5.20
CA TYR A 342 -28.26 -10.20 -3.78
C TYR A 342 -27.34 -11.36 -3.39
N VAL A 343 -27.03 -12.26 -4.33
CA VAL A 343 -26.32 -13.49 -3.96
C VAL A 343 -24.90 -13.17 -3.52
N ASP A 344 -24.25 -12.21 -4.17
CA ASP A 344 -22.86 -11.88 -3.88
C ASP A 344 -22.71 -10.57 -3.11
N LEU A 345 -23.75 -10.15 -2.38
CA LEU A 345 -23.68 -8.96 -1.54
C LEU A 345 -23.59 -9.36 -0.08
N MET A 346 -23.05 -8.45 0.72
CA MET A 346 -23.01 -8.61 2.17
C MET A 346 -24.22 -7.95 2.83
N LEU A 347 -24.48 -6.69 2.49
CA LEU A 347 -25.69 -6.03 2.96
C LEU A 347 -26.09 -4.95 1.96
N VAL A 348 -27.36 -4.56 2.05
N VAL A 348 -27.36 -4.56 2.05
CA VAL A 348 -27.91 -3.46 1.27
CA VAL A 348 -27.89 -3.44 1.27
C VAL A 348 -28.67 -2.53 2.21
C VAL A 348 -28.67 -2.53 2.21
N HIS A 349 -28.52 -1.23 2.00
CA HIS A 349 -29.26 -0.24 2.76
C HIS A 349 -30.03 0.61 1.75
N SER A 350 -31.31 0.86 1.98
CA SER A 350 -32.08 0.37 3.13
C SER A 350 -33.27 -0.49 2.68
N ARG A 351 -33.85 -1.24 3.61
CA ARG A 351 -34.91 -2.18 3.29
C ARG A 351 -35.97 -2.18 4.38
N LYS A 352 -37.23 -2.11 3.98
CA LYS A 352 -38.35 -2.16 4.91
C LYS A 352 -38.54 -3.59 5.43
N PRO A 353 -39.21 -3.73 6.59
CA PRO A 353 -39.43 -5.09 7.15
C PRO A 353 -39.98 -6.09 6.16
N GLN A 354 -40.99 -5.70 5.38
CA GLN A 354 -41.57 -6.58 4.37
C GLN A 354 -40.54 -6.97 3.31
N GLU A 355 -39.64 -6.04 2.99
CA GLU A 355 -38.67 -6.30 1.93
C GLU A 355 -37.59 -7.27 2.40
N MET A 356 -37.17 -7.19 3.66
CA MET A 356 -36.21 -8.16 4.18
C MET A 356 -36.76 -9.57 4.06
N ILE A 357 -38.02 -9.77 4.43
CA ILE A 357 -38.61 -11.11 4.43
C ILE A 357 -38.75 -11.63 3.01
N ASP A 358 -39.19 -10.78 2.09
CA ASP A 358 -39.35 -11.19 0.70
C ASP A 358 -38.01 -11.54 0.06
N ILE A 359 -36.98 -10.73 0.32
CA ILE A 359 -35.66 -11.02 -0.23
C ILE A 359 -35.08 -12.28 0.37
N TRP A 360 -35.21 -12.45 1.69
CA TRP A 360 -34.69 -13.64 2.34
C TRP A 360 -35.38 -14.91 1.83
N SER A 361 -36.70 -14.86 1.66
CA SER A 361 -37.44 -16.02 1.17
C SER A 361 -36.99 -16.41 -0.23
N GLN A 362 -36.91 -15.43 -1.14
CA GLN A 362 -36.42 -15.71 -2.49
C GLN A 362 -34.98 -16.18 -2.46
N LEU A 363 -34.18 -15.64 -1.54
CA LEU A 363 -32.76 -15.97 -1.50
C LEU A 363 -32.53 -17.44 -1.16
N GLN A 364 -33.47 -18.06 -0.44
CA GLN A 364 -33.30 -19.45 -0.02
C GLN A 364 -33.28 -20.40 -1.22
N SER A 365 -33.91 -20.02 -2.33
CA SER A 365 -33.89 -20.83 -3.54
C SER A 365 -33.13 -20.14 -4.67
N ALA A 366 -32.25 -19.20 -4.34
CA ALA A 366 -31.49 -18.50 -5.37
C ALA A 366 -30.44 -19.39 -6.01
N HIS A 367 -29.97 -20.42 -5.30
CA HIS A 367 -28.96 -21.31 -5.88
C HIS A 367 -29.51 -22.13 -7.04
N LEU A 368 -30.83 -22.22 -7.17
CA LEU A 368 -31.47 -22.94 -8.26
C LEU A 368 -31.79 -22.04 -9.45
N LYS A 369 -31.55 -20.73 -9.34
CA LYS A 369 -31.97 -19.79 -10.37
C LYS A 369 -30.88 -18.87 -10.87
N CYS A 370 -29.71 -18.84 -10.25
CA CYS A 370 -28.66 -17.90 -10.63
C CYS A 370 -27.33 -18.62 -10.90
N PRO B 28 40.94 21.65 -13.48
CA PRO B 28 39.95 21.97 -14.52
C PRO B 28 39.07 23.15 -14.12
N GLU B 29 38.04 23.44 -14.91
CA GLU B 29 37.00 24.37 -14.52
C GLU B 29 35.62 23.72 -14.46
N ALA B 30 35.40 22.62 -15.17
CA ALA B 30 34.17 21.87 -15.01
C ALA B 30 34.13 21.21 -13.64
N TYR B 31 32.95 21.24 -13.01
CA TYR B 31 32.83 20.83 -11.61
C TYR B 31 33.15 19.35 -11.43
N TRP B 32 32.57 18.49 -12.27
CA TRP B 32 32.78 17.05 -12.09
C TRP B 32 34.24 16.67 -12.26
N ASN B 33 34.90 17.21 -13.29
CA ASN B 33 36.32 16.97 -13.48
C ASN B 33 37.11 17.34 -12.24
N ARG B 34 36.83 18.51 -11.67
CA ARG B 34 37.60 18.98 -10.52
C ARG B 34 37.38 18.10 -9.29
N GLU B 35 36.13 17.70 -9.04
CA GLU B 35 35.89 16.81 -7.91
C GLU B 35 36.50 15.44 -8.13
N GLN B 36 36.52 14.97 -9.38
CA GLN B 36 37.13 13.68 -9.66
C GLN B 36 38.65 13.74 -9.49
N GLU B 37 39.28 14.86 -9.85
CA GLU B 37 40.71 15.03 -9.59
C GLU B 37 40.99 15.00 -8.09
N LYS B 38 40.18 15.71 -7.30
CA LYS B 38 40.31 15.66 -5.85
C LYS B 38 40.20 14.22 -5.35
N LEU B 39 39.24 13.46 -5.89
CA LEU B 39 39.11 12.06 -5.52
C LEU B 39 40.37 11.28 -5.89
N ASN B 40 40.98 11.60 -7.04
CA ASN B 40 42.20 10.92 -7.46
C ASN B 40 43.33 11.14 -6.47
N ARG B 41 43.48 12.37 -5.94
CA ARG B 41 44.50 12.62 -4.93
C ARG B 41 44.31 11.75 -3.70
N GLN B 42 43.06 11.48 -3.33
CA GLN B 42 42.79 10.72 -2.12
C GLN B 42 43.18 9.26 -2.29
N TYR B 43 43.13 8.72 -3.50
CA TYR B 43 43.38 7.31 -3.72
C TYR B 43 44.75 7.05 -4.34
N ASN B 44 45.50 8.08 -4.70
CA ASN B 44 46.80 7.92 -5.34
C ASN B 44 47.86 8.72 -4.60
N PRO B 45 48.70 8.06 -3.80
CA PRO B 45 49.77 8.79 -3.09
C PRO B 45 50.72 9.54 -3.99
N ILE B 46 50.86 9.13 -5.26
CA ILE B 46 51.76 9.81 -6.18
C ILE B 46 51.30 11.22 -6.51
N LEU B 47 50.09 11.61 -6.09
CA LEU B 47 49.59 12.96 -6.28
C LEU B 47 49.70 13.80 -5.00
N SER B 48 50.33 13.28 -3.96
CA SER B 48 50.46 14.00 -2.69
C SER B 48 51.23 15.30 -2.85
N ASN B 62 36.82 17.55 3.46
CA ASN B 62 37.01 16.53 4.48
C ASN B 62 35.75 15.69 4.68
N ILE B 63 34.63 16.16 4.13
CA ILE B 63 33.39 15.39 4.20
C ILE B 63 33.48 14.20 3.23
N SER B 64 32.78 13.12 3.58
CA SER B 64 32.82 11.92 2.77
C SER B 64 32.19 12.14 1.40
N HIS B 65 32.62 11.34 0.43
CA HIS B 65 32.03 11.35 -0.90
C HIS B 65 31.14 10.16 -1.15
N LEU B 66 30.80 9.39 -0.12
CA LEU B 66 30.03 8.17 -0.31
C LEU B 66 28.81 8.09 0.59
N ASN B 67 28.88 8.66 1.80
CA ASN B 67 27.72 8.60 2.70
C ASN B 67 27.36 9.95 3.29
N TYR B 68 27.72 11.05 2.61
CA TYR B 68 27.26 12.38 3.02
C TYR B 68 25.96 12.67 2.28
N CYS B 69 24.84 12.64 3.01
CA CYS B 69 23.52 12.68 2.38
C CYS B 69 22.76 13.98 2.66
N GLU B 70 23.42 14.98 3.24
CA GLU B 70 22.74 16.26 3.26
C GLU B 70 23.23 17.13 2.10
N PRO B 71 22.43 18.09 1.64
CA PRO B 71 22.79 18.82 0.42
C PRO B 71 24.17 19.49 0.53
N ASP B 72 24.94 19.36 -0.54
CA ASP B 72 26.26 19.97 -0.64
C ASP B 72 26.11 21.47 -0.87
N LEU B 73 25.97 22.22 0.23
CA LEU B 73 25.71 23.65 0.16
C LEU B 73 26.74 24.38 -0.70
N ARG B 74 27.94 23.83 -0.82
CA ARG B 74 29.03 24.54 -1.49
C ARG B 74 28.79 24.68 -2.99
N VAL B 75 28.05 23.74 -3.59
CA VAL B 75 27.97 23.69 -5.06
C VAL B 75 27.35 24.96 -5.63
N THR B 76 26.43 25.59 -4.89
CA THR B 76 25.76 26.80 -5.39
C THR B 76 26.72 27.98 -5.54
N SER B 77 27.86 27.95 -4.85
CA SER B 77 28.83 29.03 -4.92
C SER B 77 29.99 28.74 -5.85
N VAL B 78 30.28 27.46 -6.13
CA VAL B 78 31.42 27.10 -6.96
C VAL B 78 31.05 26.78 -8.41
N VAL B 79 29.76 26.56 -8.69
CA VAL B 79 29.31 26.27 -10.05
C VAL B 79 28.68 27.53 -10.62
N THR B 80 29.30 28.08 -11.65
CA THR B 80 28.83 29.33 -12.25
C THR B 80 27.46 29.12 -12.90
N GLY B 81 26.48 29.92 -12.48
CA GLY B 81 25.14 29.80 -13.02
C GLY B 81 24.37 28.62 -12.49
N PHE B 82 24.57 28.27 -11.22
CA PHE B 82 23.94 27.08 -10.67
C PHE B 82 22.42 27.18 -10.67
N ASN B 83 21.88 28.32 -10.24
CA ASN B 83 20.44 28.43 -10.06
C ASN B 83 19.67 28.50 -11.36
N ASN B 84 20.34 28.64 -12.50
CA ASN B 84 19.69 28.58 -13.80
C ASN B 84 19.86 27.22 -14.48
N LEU B 85 20.50 26.27 -13.81
CA LEU B 85 20.59 24.92 -14.33
C LEU B 85 19.24 24.21 -14.18
N PRO B 86 18.94 23.27 -15.08
CA PRO B 86 17.74 22.45 -14.90
C PRO B 86 17.75 21.75 -13.55
N ASP B 87 16.55 21.42 -13.07
CA ASP B 87 16.43 20.83 -11.74
C ASP B 87 17.26 19.56 -11.62
N ARG B 88 17.22 18.69 -12.63
CA ARG B 88 17.93 17.41 -12.54
C ARG B 88 19.41 17.61 -12.25
N PHE B 89 20.02 18.62 -12.87
CA PHE B 89 21.42 18.93 -12.56
C PHE B 89 21.58 19.48 -11.15
N LYS B 90 20.59 20.24 -10.66
CA LYS B 90 20.67 20.75 -9.30
C LYS B 90 20.67 19.61 -8.28
N ASP B 91 19.76 18.64 -8.46
CA ASP B 91 19.70 17.52 -7.52
C ASP B 91 20.91 16.60 -7.68
N PHE B 92 21.44 16.47 -8.89
CA PHE B 92 22.60 15.61 -9.07
C PHE B 92 23.81 16.17 -8.35
N LEU B 93 24.02 17.48 -8.45
CA LEU B 93 25.17 18.11 -7.80
C LEU B 93 25.00 18.15 -6.29
N LEU B 94 23.78 18.41 -5.81
CA LEU B 94 23.56 18.60 -4.38
C LEU B 94 23.74 17.30 -3.61
N TYR B 95 23.30 16.18 -4.17
CA TYR B 95 23.30 14.90 -3.45
C TYR B 95 24.26 13.89 -4.07
N LEU B 96 25.29 14.41 -4.74
CA LEU B 96 26.25 13.58 -5.45
C LEU B 96 27.04 12.68 -4.51
N ARG B 97 27.21 13.09 -3.26
CA ARG B 97 28.09 12.41 -2.32
C ARG B 97 27.35 11.40 -1.45
N CYS B 98 26.16 10.98 -1.85
CA CYS B 98 25.37 10.01 -1.09
C CYS B 98 25.05 8.83 -1.99
N ARG B 99 25.53 7.64 -1.61
CA ARG B 99 25.21 6.43 -2.35
C ARG B 99 24.92 5.24 -1.45
N ASN B 100 24.78 5.44 -0.14
CA ASN B 100 24.54 4.34 0.80
C ASN B 100 23.04 4.14 1.02
N TYR B 101 22.35 3.75 -0.05
CA TYR B 101 20.92 3.48 0.02
C TYR B 101 20.69 1.99 0.29
N SER B 102 19.50 1.67 0.77
CA SER B 102 19.21 0.33 1.25
C SER B 102 18.21 -0.37 0.33
N LEU B 103 18.23 -1.70 0.39
CA LEU B 103 17.26 -2.52 -0.35
C LEU B 103 15.95 -2.55 0.42
N LEU B 104 14.86 -2.16 -0.23
CA LEU B 104 13.53 -2.31 0.34
C LEU B 104 12.88 -3.63 -0.05
N ILE B 105 13.12 -4.11 -1.26
CA ILE B 105 12.68 -5.42 -1.70
C ILE B 105 13.91 -6.18 -2.17
N ASP B 106 14.13 -7.36 -1.60
CA ASP B 106 15.32 -8.14 -1.89
C ASP B 106 14.90 -9.57 -2.23
N GLN B 107 15.79 -10.25 -2.97
CA GLN B 107 15.66 -11.68 -3.27
C GLN B 107 16.96 -12.33 -2.84
N PRO B 108 17.13 -12.57 -1.53
CA PRO B 108 18.46 -12.95 -1.02
C PRO B 108 18.93 -14.31 -1.47
N ASP B 109 18.01 -15.20 -1.87
CA ASP B 109 18.29 -16.57 -2.30
C ASP B 109 18.26 -16.70 -3.85
N LYS B 110 18.29 -15.57 -4.57
CA LYS B 110 18.14 -15.60 -6.04
C LYS B 110 19.22 -16.46 -6.69
N CYS B 111 20.42 -16.46 -6.13
CA CYS B 111 21.54 -17.21 -6.70
C CYS B 111 21.94 -18.40 -5.82
N ALA B 112 20.98 -18.95 -5.07
CA ALA B 112 21.27 -20.13 -4.24
C ALA B 112 21.91 -21.23 -5.06
N LYS B 113 21.35 -21.51 -6.23
CA LYS B 113 22.04 -22.33 -7.23
C LYS B 113 22.92 -21.41 -8.07
N LYS B 114 24.19 -21.76 -8.20
CA LYS B 114 25.20 -20.96 -8.86
C LYS B 114 24.80 -20.65 -10.30
N PRO B 115 24.55 -19.39 -10.62
CA PRO B 115 24.11 -19.06 -11.98
C PRO B 115 25.25 -19.12 -12.97
N PHE B 116 24.92 -19.52 -14.20
CA PHE B 116 25.82 -19.31 -15.32
C PHE B 116 25.64 -17.91 -15.89
N LEU B 117 24.40 -17.42 -15.95
CA LEU B 117 24.10 -16.11 -16.50
C LEU B 117 23.07 -15.42 -15.61
N LEU B 118 23.41 -14.24 -15.12
CA LEU B 118 22.49 -13.40 -14.36
C LEU B 118 21.96 -12.30 -15.29
N LEU B 119 20.64 -12.27 -15.47
CA LEU B 119 19.99 -11.21 -16.24
C LEU B 119 19.55 -10.11 -15.30
N ALA B 120 20.07 -8.90 -15.51
CA ALA B 120 19.75 -7.75 -14.69
C ALA B 120 19.17 -6.66 -15.58
N ILE B 121 17.89 -6.34 -15.37
CA ILE B 121 17.13 -5.47 -16.26
C ILE B 121 16.71 -4.21 -15.50
N LYS B 122 17.12 -3.05 -16.01
CA LYS B 122 16.72 -1.78 -15.43
C LYS B 122 15.26 -1.50 -15.78
N SER B 123 14.46 -1.17 -14.77
CA SER B 123 13.04 -0.94 -14.99
C SER B 123 12.50 0.09 -14.00
N LEU B 124 11.41 0.73 -14.40
CA LEU B 124 10.66 1.63 -13.55
C LEU B 124 9.38 0.97 -13.06
N THR B 125 8.96 1.33 -11.85
CA THR B 125 7.75 0.78 -11.23
C THR B 125 6.58 0.58 -12.20
N PRO B 126 6.14 1.57 -12.99
CA PRO B 126 4.93 1.36 -13.82
C PRO B 126 5.11 0.45 -15.03
N HIS B 127 6.30 -0.07 -15.31
CA HIS B 127 6.54 -0.88 -16.51
C HIS B 127 6.14 -2.35 -16.29
N PHE B 128 4.88 -2.54 -15.89
CA PHE B 128 4.40 -3.89 -15.61
C PHE B 128 4.38 -4.76 -16.87
N ALA B 129 3.94 -4.19 -17.99
CA ALA B 129 3.86 -4.96 -19.23
C ALA B 129 5.24 -5.30 -19.76
N ARG B 130 6.20 -4.38 -19.63
CA ARG B 130 7.55 -4.64 -20.11
C ARG B 130 8.19 -5.80 -19.35
N ARG B 131 8.10 -5.77 -18.02
CA ARG B 131 8.71 -6.82 -17.21
C ARG B 131 8.04 -8.17 -17.49
N GLN B 132 6.71 -8.17 -17.66
CA GLN B 132 6.01 -9.42 -17.88
C GLN B 132 6.33 -10.01 -19.25
N ALA B 133 6.50 -9.15 -20.26
CA ALA B 133 6.91 -9.64 -21.57
C ALA B 133 8.30 -10.25 -21.52
N ILE B 134 9.19 -9.65 -20.74
CA ILE B 134 10.54 -10.18 -20.60
C ILE B 134 10.51 -11.50 -19.84
N ARG B 135 9.63 -11.62 -18.83
CA ARG B 135 9.49 -12.88 -18.11
C ARG B 135 9.06 -14.01 -19.05
N GLU B 136 8.13 -13.72 -19.96
CA GLU B 136 7.56 -14.74 -20.81
C GLU B 136 8.42 -15.07 -22.02
N SER B 137 9.35 -14.19 -22.39
CA SER B 137 10.11 -14.41 -23.61
C SER B 137 11.58 -14.62 -23.28
N TRP B 138 12.42 -13.65 -23.56
CA TRP B 138 13.85 -13.88 -23.52
C TRP B 138 14.44 -13.88 -22.12
N GLY B 139 13.70 -13.42 -21.11
CA GLY B 139 14.25 -13.36 -19.78
C GLY B 139 13.76 -14.45 -18.84
N GLN B 140 13.17 -15.51 -19.40
CA GLN B 140 12.70 -16.58 -18.53
C GLN B 140 13.88 -17.35 -17.93
N GLU B 141 13.69 -17.80 -16.69
CA GLU B 141 14.73 -18.53 -16.00
C GLU B 141 14.75 -19.99 -16.46
N SER B 142 15.93 -20.59 -16.41
CA SER B 142 16.10 -21.93 -16.97
C SER B 142 17.34 -22.57 -16.37
N ASN B 143 17.59 -23.83 -16.79
CA ASN B 143 18.70 -24.62 -16.27
C ASN B 143 19.16 -25.65 -17.29
N ALA B 144 19.03 -25.35 -18.58
CA ALA B 144 19.45 -26.29 -19.61
C ALA B 144 20.94 -26.57 -19.51
N GLY B 145 21.29 -27.85 -19.47
CA GLY B 145 22.69 -28.25 -19.38
C GLY B 145 23.39 -27.81 -18.11
N ASN B 146 22.68 -27.82 -16.99
CA ASN B 146 23.18 -27.35 -15.70
C ASN B 146 23.68 -25.91 -15.77
N GLN B 147 23.22 -25.16 -16.76
CA GLN B 147 23.55 -23.76 -16.93
C GLN B 147 22.36 -22.93 -16.45
N THR B 148 22.43 -22.50 -15.21
CA THR B 148 21.33 -21.77 -14.59
C THR B 148 21.29 -20.34 -15.12
N VAL B 149 20.09 -19.90 -15.51
CA VAL B 149 19.83 -18.50 -15.86
C VAL B 149 18.85 -17.96 -14.83
N VAL B 150 19.25 -16.89 -14.14
CA VAL B 150 18.38 -16.22 -13.18
C VAL B 150 18.15 -14.79 -13.65
N ARG B 151 17.09 -14.18 -13.13
CA ARG B 151 16.62 -12.89 -13.59
C ARG B 151 16.27 -12.00 -12.40
N VAL B 152 16.71 -10.75 -12.46
CA VAL B 152 16.27 -9.72 -11.53
C VAL B 152 15.97 -8.45 -12.31
N PHE B 153 14.97 -7.69 -11.84
CA PHE B 153 14.69 -6.35 -12.31
C PHE B 153 15.17 -5.34 -11.28
N LEU B 154 15.75 -4.25 -11.76
CA LEU B 154 16.42 -3.27 -10.92
C LEU B 154 15.54 -2.02 -10.84
N LEU B 155 15.02 -1.74 -9.65
CA LEU B 155 14.09 -0.63 -9.45
C LEU B 155 14.58 0.31 -8.34
N GLY B 156 14.39 1.59 -8.57
CA GLY B 156 14.41 2.58 -7.51
C GLY B 156 12.98 2.85 -7.06
N GLN B 157 12.82 3.95 -6.34
CA GLN B 157 11.52 4.36 -5.85
C GLN B 157 10.91 5.42 -6.76
N THR B 158 9.60 5.33 -6.95
CA THR B 158 8.80 6.31 -7.66
C THR B 158 7.84 6.95 -6.66
N PRO B 159 8.31 7.88 -5.85
CA PRO B 159 7.59 8.25 -4.62
C PRO B 159 6.45 9.23 -4.90
N PRO B 160 5.45 9.25 -4.02
CA PRO B 160 4.37 10.25 -4.16
C PRO B 160 4.85 11.69 -4.14
N GLU B 161 5.95 11.99 -3.41
CA GLU B 161 6.44 13.36 -3.33
C GLU B 161 6.73 13.94 -4.70
N ASP B 162 7.15 13.11 -5.65
CA ASP B 162 7.39 13.54 -7.03
C ASP B 162 6.17 13.39 -7.92
N ASN B 163 4.97 13.29 -7.31
CA ASN B 163 3.71 13.20 -8.04
C ASN B 163 3.58 11.92 -8.86
N HIS B 164 4.22 10.84 -8.41
CA HIS B 164 4.01 9.55 -9.03
C HIS B 164 2.71 8.93 -8.53
N PRO B 165 1.94 8.27 -9.40
CA PRO B 165 0.79 7.50 -8.92
C PRO B 165 1.24 6.40 -7.96
N ASP B 166 0.41 6.15 -6.95
CA ASP B 166 0.69 5.10 -5.98
C ASP B 166 0.42 3.74 -6.62
N LEU B 167 1.49 3.02 -6.94
CA LEU B 167 1.39 1.66 -7.46
C LEU B 167 2.06 0.65 -6.53
N SER B 168 2.18 0.99 -5.25
CA SER B 168 2.96 0.17 -4.33
C SER B 168 2.33 -1.20 -4.09
N ASP B 169 1.00 -1.24 -3.97
CA ASP B 169 0.32 -2.51 -3.73
C ASP B 169 0.46 -3.46 -4.93
N MET B 170 0.36 -2.93 -6.14
CA MET B 170 0.54 -3.77 -7.32
C MET B 170 1.97 -4.27 -7.44
N LEU B 171 2.94 -3.44 -7.04
CA LEU B 171 4.34 -3.86 -7.10
C LEU B 171 4.62 -4.98 -6.09
N LYS B 172 4.12 -4.83 -4.85
CA LYS B 172 4.26 -5.90 -3.89
C LYS B 172 3.58 -7.17 -4.37
N PHE B 173 2.39 -7.02 -4.99
CA PHE B 173 1.74 -8.16 -5.62
C PHE B 173 2.64 -8.82 -6.66
N GLU B 174 3.17 -8.02 -7.59
CA GLU B 174 4.08 -8.55 -8.61
C GLU B 174 5.31 -9.17 -7.99
N SER B 175 5.85 -8.53 -6.94
CA SER B 175 7.07 -9.03 -6.30
C SER B 175 6.84 -10.39 -5.65
N GLU B 176 5.73 -10.54 -4.92
CA GLU B 176 5.46 -11.80 -4.24
C GLU B 176 5.21 -12.93 -5.24
N LYS B 177 4.64 -12.60 -6.39
CA LYS B 177 4.26 -13.64 -7.34
C LYS B 177 5.47 -14.11 -8.16
N HIS B 178 6.33 -13.18 -8.59
CA HIS B 178 7.42 -13.53 -9.50
C HIS B 178 8.80 -13.53 -8.85
N GLN B 179 8.94 -12.97 -7.65
CA GLN B 179 10.18 -13.09 -6.88
C GLN B 179 11.40 -12.67 -7.69
N ASP B 180 11.27 -11.57 -8.43
CA ASP B 180 12.38 -11.14 -9.29
C ASP B 180 12.57 -9.63 -9.24
N ILE B 181 12.16 -8.98 -8.16
CA ILE B 181 12.24 -7.52 -8.02
C ILE B 181 13.28 -7.19 -6.95
N LEU B 182 14.27 -6.40 -7.33
CA LEU B 182 15.15 -5.72 -6.38
C LEU B 182 14.81 -4.24 -6.43
N MET B 183 14.57 -3.65 -5.27
N MET B 183 14.54 -3.65 -5.27
CA MET B 183 14.18 -2.24 -5.21
CA MET B 183 14.16 -2.25 -5.18
C MET B 183 14.88 -1.56 -4.04
C MET B 183 14.92 -1.58 -4.04
N TRP B 184 15.59 -0.47 -4.35
CA TRP B 184 16.32 0.32 -3.38
C TRP B 184 15.56 1.61 -3.06
N ASN B 185 16.01 2.29 -2.00
N ASN B 185 15.97 2.29 -1.99
CA ASN B 185 15.32 3.45 -1.45
CA ASN B 185 15.22 3.44 -1.48
C ASN B 185 15.96 4.74 -1.94
C ASN B 185 15.86 4.77 -1.94
N TYR B 186 15.86 4.97 -3.25
CA TYR B 186 16.30 6.22 -3.84
C TYR B 186 15.34 6.58 -4.97
N ARG B 187 15.31 7.86 -5.33
CA ARG B 187 14.43 8.33 -6.41
C ARG B 187 14.93 7.80 -7.75
N ASP B 188 14.12 6.97 -8.40
CA ASP B 188 14.46 6.40 -9.70
C ASP B 188 14.30 7.49 -10.76
N THR B 189 15.42 7.99 -11.29
CA THR B 189 15.43 8.99 -12.36
C THR B 189 16.60 8.68 -13.30
N PHE B 190 16.56 9.29 -14.48
CA PHE B 190 17.63 9.08 -15.46
C PHE B 190 18.99 9.48 -14.91
N PHE B 191 19.06 10.59 -14.16
CA PHE B 191 20.33 11.05 -13.62
C PHE B 191 20.78 10.27 -12.39
N ASN B 192 19.93 9.38 -11.86
CA ASN B 192 20.31 8.47 -10.79
C ASN B 192 20.59 7.05 -11.28
N LEU B 193 20.69 6.86 -12.59
CA LEU B 193 20.91 5.51 -13.12
C LEU B 193 22.32 4.99 -12.78
N SER B 194 23.32 5.87 -12.69
CA SER B 194 24.63 5.39 -12.25
C SER B 194 24.58 4.96 -10.80
N LEU B 195 23.68 5.54 -10.00
CA LEU B 195 23.43 5.03 -8.66
C LEU B 195 22.82 3.63 -8.73
N LYS B 196 21.87 3.43 -9.64
CA LYS B 196 21.32 2.08 -9.85
C LYS B 196 22.42 1.08 -10.19
N GLU B 197 23.42 1.51 -10.96
CA GLU B 197 24.50 0.60 -11.34
C GLU B 197 25.36 0.23 -10.15
N VAL B 198 25.73 1.20 -9.32
CA VAL B 198 26.59 0.93 -8.18
C VAL B 198 25.89 0.02 -7.18
N LEU B 199 24.63 0.33 -6.86
CA LEU B 199 23.87 -0.47 -5.90
C LEU B 199 23.66 -1.89 -6.39
N PHE B 200 23.52 -2.07 -7.71
CA PHE B 200 23.39 -3.43 -8.24
C PHE B 200 24.71 -4.19 -8.13
N LEU B 201 25.82 -3.54 -8.48
CA LEU B 201 27.13 -4.16 -8.31
C LEU B 201 27.38 -4.51 -6.84
N ARG B 202 26.92 -3.66 -5.92
CA ARG B 202 27.00 -4.01 -4.50
C ARG B 202 26.21 -5.27 -4.20
N TRP B 203 25.01 -5.38 -4.77
CA TRP B 203 24.19 -6.57 -4.53
C TRP B 203 24.85 -7.81 -5.13
N VAL B 204 25.50 -7.68 -6.28
CA VAL B 204 26.21 -8.82 -6.85
C VAL B 204 27.28 -9.32 -5.88
N SER B 205 28.08 -8.39 -5.34
CA SER B 205 29.18 -8.79 -4.49
C SER B 205 28.70 -9.44 -3.19
N THR B 206 27.53 -9.03 -2.68
CA THR B 206 27.05 -9.58 -1.42
C THR B 206 26.14 -10.78 -1.59
N SER B 207 25.35 -10.84 -2.67
CA SER B 207 24.30 -11.83 -2.79
C SER B 207 24.42 -12.73 -4.00
N CYS B 208 25.33 -12.43 -4.93
CA CYS B 208 25.49 -13.29 -6.10
C CYS B 208 26.91 -13.23 -6.64
N PRO B 209 27.95 -13.36 -5.79
CA PRO B 209 29.32 -13.18 -6.28
C PRO B 209 29.84 -14.34 -7.11
N ASP B 210 29.11 -15.45 -7.17
CA ASP B 210 29.58 -16.65 -7.86
C ASP B 210 28.95 -16.84 -9.24
N THR B 211 28.19 -15.87 -9.73
CA THR B 211 27.66 -15.99 -11.09
C THR B 211 28.79 -15.84 -12.11
N GLU B 212 28.77 -16.71 -13.14
CA GLU B 212 29.84 -16.71 -14.13
C GLU B 212 29.79 -15.44 -14.98
N PHE B 213 28.61 -15.07 -15.45
CA PHE B 213 28.46 -13.94 -16.35
C PHE B 213 27.25 -13.12 -15.93
N VAL B 214 27.25 -11.85 -16.35
CA VAL B 214 26.19 -10.91 -16.03
C VAL B 214 25.77 -10.23 -17.33
N PHE B 215 24.48 -10.24 -17.62
CA PHE B 215 23.92 -9.38 -18.64
C PHE B 215 23.14 -8.26 -17.97
N LYS B 216 23.50 -7.02 -18.27
CA LYS B 216 22.81 -5.85 -17.76
C LYS B 216 22.24 -5.08 -18.94
N GLY B 217 20.93 -4.83 -18.92
CA GLY B 217 20.32 -4.14 -20.04
C GLY B 217 19.03 -3.46 -19.64
N ASP B 218 18.39 -2.85 -20.65
CA ASP B 218 17.16 -2.09 -20.49
C ASP B 218 15.94 -2.98 -20.67
N ASP B 219 14.76 -2.44 -20.31
CA ASP B 219 13.54 -3.22 -20.41
C ASP B 219 12.77 -2.95 -21.70
N ASP B 220 13.40 -2.32 -22.69
CA ASP B 220 12.79 -2.08 -23.98
C ASP B 220 13.61 -2.69 -25.13
N VAL B 221 14.46 -3.67 -24.82
CA VAL B 221 15.28 -4.30 -25.84
C VAL B 221 14.89 -5.77 -25.94
N PHE B 222 14.97 -6.30 -27.15
CA PHE B 222 14.89 -7.73 -27.34
C PHE B 222 16.30 -8.31 -27.26
N VAL B 223 16.44 -9.42 -26.52
CA VAL B 223 17.72 -10.06 -26.29
C VAL B 223 17.62 -11.50 -26.77
N ASN B 224 18.57 -11.93 -27.59
CA ASN B 224 18.61 -13.31 -28.06
C ASN B 224 19.40 -14.13 -27.04
N THR B 225 18.70 -14.52 -25.96
CA THR B 225 19.34 -15.21 -24.85
C THR B 225 19.98 -16.53 -25.30
N HIS B 226 19.34 -17.24 -26.24
CA HIS B 226 19.94 -18.47 -26.77
C HIS B 226 21.29 -18.18 -27.42
N HIS B 227 21.37 -17.12 -28.22
CA HIS B 227 22.62 -16.76 -28.86
C HIS B 227 23.67 -16.31 -27.85
N ILE B 228 23.25 -15.59 -26.81
CA ILE B 228 24.19 -15.20 -25.77
C ILE B 228 24.78 -16.42 -25.07
N LEU B 229 23.94 -17.41 -24.75
CA LEU B 229 24.42 -18.62 -24.10
C LEU B 229 25.42 -19.36 -24.99
N ASN B 230 25.10 -19.50 -26.28
CA ASN B 230 26.03 -20.15 -27.20
C ASN B 230 27.37 -19.42 -27.26
N TYR B 231 27.33 -18.08 -27.22
CA TYR B 231 28.56 -17.30 -27.28
C TYR B 231 29.40 -17.47 -26.03
N LEU B 232 28.75 -17.45 -24.86
CA LEU B 232 29.48 -17.62 -23.60
C LEU B 232 30.12 -19.00 -23.53
N ASN B 233 29.42 -20.03 -24.00
CA ASN B 233 29.95 -21.38 -23.95
C ASN B 233 31.08 -21.61 -24.94
N SER B 234 31.22 -20.76 -25.93
CA SER B 234 32.30 -20.87 -26.91
C SER B 234 33.57 -20.17 -26.48
N LEU B 235 33.55 -19.46 -25.35
CA LEU B 235 34.68 -18.63 -24.97
C LEU B 235 35.87 -19.45 -24.46
N SER B 236 37.07 -18.98 -24.79
CA SER B 236 38.28 -19.49 -24.15
C SER B 236 38.30 -19.12 -22.68
N LYS B 237 39.14 -19.83 -21.92
CA LYS B 237 39.30 -19.48 -20.51
C LYS B 237 39.90 -18.10 -20.33
N THR B 238 40.81 -17.71 -21.23
CA THR B 238 41.43 -16.40 -21.15
C THR B 238 40.42 -15.29 -21.40
N LYS B 239 39.55 -15.47 -22.40
CA LYS B 239 38.60 -14.42 -22.77
C LYS B 239 37.49 -14.28 -21.73
N ALA B 240 37.06 -15.39 -21.13
CA ALA B 240 35.93 -15.34 -20.22
C ALA B 240 36.26 -14.67 -18.89
N LYS B 241 37.55 -14.53 -18.56
CA LYS B 241 37.91 -14.07 -17.22
C LYS B 241 37.48 -12.63 -16.98
N ASP B 242 37.77 -11.73 -17.92
CA ASP B 242 37.38 -10.33 -17.80
C ASP B 242 36.61 -9.89 -19.04
N LEU B 243 35.68 -10.73 -19.47
CA LEU B 243 34.80 -10.38 -20.57
C LEU B 243 34.05 -9.09 -20.27
N PHE B 244 34.03 -8.17 -21.24
CA PHE B 244 33.10 -7.05 -21.20
C PHE B 244 32.84 -6.64 -22.65
N ILE B 245 31.64 -6.93 -23.16
CA ILE B 245 31.33 -6.63 -24.56
C ILE B 245 30.01 -5.89 -24.64
N GLY B 246 29.90 -5.06 -25.68
CA GLY B 246 28.68 -4.35 -25.95
C GLY B 246 28.84 -3.53 -27.21
N ASP B 247 27.97 -2.55 -27.40
CA ASP B 247 28.11 -1.61 -28.50
C ASP B 247 28.96 -0.45 -28.00
N VAL B 248 30.26 -0.57 -28.20
CA VAL B 248 31.22 0.35 -27.59
C VAL B 248 31.34 1.60 -28.45
N ILE B 249 31.35 2.76 -27.80
CA ILE B 249 31.47 4.07 -28.44
C ILE B 249 32.78 4.69 -28.01
N HIS B 250 33.60 5.09 -28.99
CA HIS B 250 34.91 5.69 -28.74
C HIS B 250 34.88 7.17 -29.06
N ASN B 251 35.67 7.94 -28.30
CA ASN B 251 35.89 9.36 -28.53
C ASN B 251 34.58 10.14 -28.66
N ALA B 252 33.66 9.87 -27.75
CA ALA B 252 32.44 10.65 -27.63
C ALA B 252 32.62 11.67 -26.50
N GLY B 253 31.78 12.70 -26.54
CA GLY B 253 31.86 13.77 -25.57
C GLY B 253 30.50 14.22 -25.11
N PRO B 254 30.47 15.17 -24.17
CA PRO B 254 29.20 15.70 -23.69
C PRO B 254 28.53 16.58 -24.74
N HIS B 255 27.21 16.60 -24.70
CA HIS B 255 26.38 17.32 -25.65
C HIS B 255 26.02 18.68 -25.06
N ARG B 256 25.94 19.69 -25.93
CA ARG B 256 25.81 21.07 -25.49
C ARG B 256 24.47 21.71 -25.78
N ASP B 257 23.70 21.16 -26.72
CA ASP B 257 22.40 21.74 -27.01
C ASP B 257 21.45 21.49 -25.84
N LYS B 258 20.86 22.57 -25.33
CA LYS B 258 20.10 22.54 -24.09
C LYS B 258 18.86 21.66 -24.19
N LYS B 259 18.31 21.44 -25.37
CA LYS B 259 17.02 20.76 -25.47
C LYS B 259 17.15 19.27 -25.73
N LEU B 260 18.35 18.74 -25.76
CA LEU B 260 18.59 17.32 -25.96
C LEU B 260 18.85 16.65 -24.61
N LYS B 261 18.56 15.36 -24.56
CA LYS B 261 18.44 14.68 -23.28
C LYS B 261 19.79 14.29 -22.68
N TYR B 262 20.85 14.19 -23.49
CA TYR B 262 22.21 14.01 -22.99
C TYR B 262 22.95 15.31 -22.83
N TYR B 263 22.23 16.43 -22.81
CA TYR B 263 22.86 17.72 -22.58
C TYR B 263 23.64 17.70 -21.27
N ILE B 264 24.89 18.15 -21.34
CA ILE B 264 25.73 18.33 -20.16
C ILE B 264 26.33 19.71 -20.28
N PRO B 265 26.10 20.62 -19.33
CA PRO B 265 26.69 21.96 -19.41
C PRO B 265 28.21 21.89 -19.35
N GLU B 266 28.84 22.98 -19.80
CA GLU B 266 30.30 23.05 -19.75
C GLU B 266 30.81 23.22 -18.32
N VAL B 267 30.01 23.84 -17.45
CA VAL B 267 30.40 23.99 -16.04
C VAL B 267 30.31 22.67 -15.28
N VAL B 268 29.78 21.62 -15.89
CA VAL B 268 29.60 20.34 -15.23
C VAL B 268 30.69 19.34 -15.65
N TYR B 269 30.90 19.17 -16.94
CA TYR B 269 31.89 18.22 -17.43
C TYR B 269 32.55 18.77 -18.69
N SER B 270 33.84 18.51 -18.81
CA SER B 270 34.63 18.93 -19.97
C SER B 270 35.47 17.77 -20.45
N GLY B 271 35.74 17.75 -21.75
CA GLY B 271 36.60 16.73 -22.34
C GLY B 271 35.80 15.59 -22.92
N LEU B 272 36.52 14.55 -23.32
CA LEU B 272 35.92 13.39 -23.95
C LEU B 272 35.51 12.35 -22.92
N TYR B 273 34.58 11.50 -23.33
CA TYR B 273 34.22 10.34 -22.53
C TYR B 273 35.17 9.18 -22.81
N PRO B 274 35.46 8.35 -21.81
CA PRO B 274 36.20 7.12 -22.07
C PRO B 274 35.39 6.19 -22.95
N PRO B 275 35.99 5.13 -23.50
CA PRO B 275 35.20 4.16 -24.25
C PRO B 275 34.17 3.50 -23.34
N TYR B 276 32.94 3.38 -23.86
CA TYR B 276 31.86 2.80 -23.06
C TYR B 276 30.87 2.11 -23.99
N ALA B 277 30.29 1.02 -23.49
CA ALA B 277 29.28 0.30 -24.24
C ALA B 277 27.91 0.93 -24.00
N GLY B 278 27.14 1.06 -25.09
CA GLY B 278 25.78 1.55 -25.00
C GLY B 278 24.99 0.81 -23.95
N GLY B 279 24.29 1.57 -23.10
CA GLY B 279 23.62 0.96 -21.96
C GLY B 279 22.46 0.07 -22.31
N GLY B 280 22.00 0.08 -23.57
CA GLY B 280 20.93 -0.82 -23.98
C GLY B 280 21.17 -2.24 -23.51
N GLY B 281 22.43 -2.66 -23.47
CA GLY B 281 22.79 -3.91 -22.84
C GLY B 281 24.25 -4.23 -23.06
N PHE B 282 24.90 -4.77 -22.05
CA PHE B 282 26.25 -5.28 -22.21
C PHE B 282 26.40 -6.53 -21.37
N LEU B 283 27.51 -7.22 -21.61
CA LEU B 283 27.73 -8.57 -21.14
C LEU B 283 29.13 -8.66 -20.57
N TYR B 284 29.26 -9.23 -19.38
CA TYR B 284 30.56 -9.23 -18.71
C TYR B 284 30.60 -10.35 -17.68
N SER B 285 31.82 -10.72 -17.29
CA SER B 285 32.00 -11.84 -16.38
C SER B 285 31.74 -11.43 -14.94
N GLY B 286 31.28 -12.40 -14.14
CA GLY B 286 31.11 -12.16 -12.72
C GLY B 286 32.39 -11.72 -12.03
N HIS B 287 33.52 -12.31 -12.43
CA HIS B 287 34.80 -11.88 -11.87
C HIS B 287 35.06 -10.40 -12.10
N LEU B 288 34.75 -9.91 -13.30
CA LEU B 288 34.91 -8.48 -13.55
C LEU B 288 33.87 -7.65 -12.80
N ALA B 289 32.68 -8.22 -12.56
CA ALA B 289 31.66 -7.49 -11.79
C ALA B 289 32.14 -7.20 -10.38
N LEU B 290 32.83 -8.15 -9.76
CA LEU B 290 33.36 -7.92 -8.42
C LEU B 290 34.46 -6.87 -8.44
N ARG B 291 35.30 -6.88 -9.48
CA ARG B 291 36.34 -5.86 -9.57
C ARG B 291 35.74 -4.50 -9.84
N LEU B 292 34.72 -4.42 -10.70
CA LEU B 292 34.07 -3.14 -10.98
C LEU B 292 33.50 -2.53 -9.72
N TYR B 293 32.81 -3.33 -8.89
CA TYR B 293 32.19 -2.76 -7.69
C TYR B 293 33.23 -2.16 -6.76
N HIS B 294 34.38 -2.83 -6.59
CA HIS B 294 35.40 -2.33 -5.68
C HIS B 294 36.05 -1.05 -6.18
N ILE B 295 35.97 -0.76 -7.47
CA ILE B 295 36.51 0.49 -7.99
C ILE B 295 35.52 1.64 -7.98
N THR B 296 34.21 1.38 -7.82
CA THR B 296 33.22 2.46 -7.90
C THR B 296 33.45 3.54 -6.84
N ASP B 297 34.02 3.16 -5.69
CA ASP B 297 34.30 4.15 -4.66
C ASP B 297 35.22 5.25 -5.16
N GLN B 298 36.04 4.98 -6.17
CA GLN B 298 37.04 5.93 -6.64
C GLN B 298 36.56 6.76 -7.83
N VAL B 299 35.31 6.60 -8.25
CA VAL B 299 34.76 7.35 -9.38
C VAL B 299 33.47 8.01 -8.91
N HIS B 300 33.41 9.35 -8.99
CA HIS B 300 32.19 10.07 -8.69
C HIS B 300 31.07 9.67 -9.64
N LEU B 301 29.85 9.62 -9.11
CA LEU B 301 28.70 9.33 -9.94
C LEU B 301 28.60 10.32 -11.09
N TYR B 302 27.98 9.88 -12.18
CA TYR B 302 27.84 10.68 -13.38
C TYR B 302 26.40 10.57 -13.88
N PRO B 303 25.83 11.65 -14.44
CA PRO B 303 24.41 11.62 -14.82
C PRO B 303 24.07 10.65 -15.93
N ILE B 304 25.07 10.11 -16.64
CA ILE B 304 24.83 9.15 -17.71
C ILE B 304 25.47 7.83 -17.27
N ASP B 305 24.63 6.82 -17.04
CA ASP B 305 25.09 5.63 -16.29
C ASP B 305 26.07 4.79 -17.10
N ASP B 306 25.84 4.63 -18.40
CA ASP B 306 26.74 3.76 -19.17
C ASP B 306 28.09 4.44 -19.40
N VAL B 307 28.13 5.78 -19.41
CA VAL B 307 29.41 6.47 -19.36
C VAL B 307 30.13 6.18 -18.05
N TYR B 308 29.39 6.19 -16.94
CA TYR B 308 30.00 5.91 -15.64
C TYR B 308 30.63 4.52 -15.60
N THR B 309 29.97 3.53 -16.20
CA THR B 309 30.57 2.20 -16.24
C THR B 309 31.87 2.20 -17.03
N GLY B 310 31.93 2.99 -18.11
CA GLY B 310 33.17 3.11 -18.86
C GLY B 310 34.27 3.82 -18.09
N MET B 311 33.92 4.77 -17.23
CA MET B 311 34.91 5.39 -16.35
C MET B 311 35.47 4.38 -15.36
N CYS B 312 34.62 3.48 -14.85
CA CYS B 312 35.10 2.48 -13.91
C CYS B 312 35.98 1.46 -14.60
N LEU B 313 35.61 1.02 -15.81
CA LEU B 313 36.45 0.09 -16.56
C LEU B 313 37.80 0.71 -16.88
N GLN B 314 37.82 1.98 -17.28
CA GLN B 314 39.07 2.66 -17.56
C GLN B 314 39.95 2.72 -16.33
N LYS B 315 39.35 2.95 -15.15
CA LYS B 315 40.12 3.00 -13.92
C LYS B 315 40.70 1.63 -13.55
N LEU B 316 40.08 0.55 -14.02
CA LEU B 316 40.67 -0.78 -13.87
C LEU B 316 41.74 -1.07 -14.91
N GLY B 317 41.97 -0.16 -15.85
CA GLY B 317 42.89 -0.43 -16.93
C GLY B 317 42.35 -1.33 -18.02
N LEU B 318 41.04 -1.31 -18.25
CA LEU B 318 40.42 -2.17 -19.26
C LEU B 318 39.67 -1.31 -20.27
N VAL B 319 39.46 -1.89 -21.45
CA VAL B 319 38.71 -1.25 -22.52
C VAL B 319 37.56 -2.17 -22.91
N PRO B 320 36.31 -1.70 -22.90
CA PRO B 320 35.21 -2.57 -23.32
C PRO B 320 35.34 -2.94 -24.79
N GLU B 321 34.96 -4.17 -25.11
CA GLU B 321 35.17 -4.74 -26.44
C GLU B 321 33.91 -4.60 -27.29
N LYS B 322 34.06 -4.03 -28.47
CA LYS B 322 32.94 -3.89 -29.40
C LYS B 322 32.52 -5.25 -29.92
N HIS B 323 31.22 -5.53 -29.89
CA HIS B 323 30.69 -6.75 -30.47
C HIS B 323 29.60 -6.39 -31.47
N LYS B 324 29.66 -7.04 -32.64
CA LYS B 324 28.77 -6.70 -33.75
C LYS B 324 27.31 -6.96 -33.42
N GLY B 325 27.02 -7.90 -32.52
CA GLY B 325 25.66 -8.36 -32.29
C GLY B 325 24.76 -7.42 -31.51
N PHE B 326 25.30 -6.32 -30.97
CA PHE B 326 24.54 -5.38 -30.13
C PHE B 326 24.04 -4.24 -31.01
N ARG B 327 22.77 -4.32 -31.43
CA ARG B 327 22.19 -3.34 -32.35
C ARG B 327 21.38 -2.33 -31.54
N THR B 328 22.09 -1.34 -30.98
CA THR B 328 21.42 -0.31 -30.20
C THR B 328 20.58 0.62 -31.07
N PHE B 329 20.87 0.71 -32.37
CA PHE B 329 20.10 1.54 -33.29
C PHE B 329 19.26 0.69 -34.23
N ASP B 330 18.79 -0.46 -33.74
CA ASP B 330 17.88 -1.34 -34.47
C ASP B 330 18.55 -1.96 -35.69
N ILE B 331 17.76 -2.66 -36.48
CA ILE B 331 18.15 -3.13 -37.80
C ILE B 331 17.27 -2.41 -38.81
N GLU B 332 17.67 -2.46 -40.08
CA GLU B 332 16.95 -1.75 -41.14
C GLU B 332 15.66 -2.44 -41.50
N GLU B 333 14.76 -1.63 -42.07
CA GLU B 333 13.34 -1.91 -42.17
C GLU B 333 13.02 -3.27 -42.78
N LYS B 334 13.51 -3.52 -44.00
CA LYS B 334 13.12 -4.76 -44.67
C LYS B 334 13.57 -6.01 -43.92
N ASN B 335 14.53 -5.90 -42.99
CA ASN B 335 14.96 -7.04 -42.22
C ASN B 335 14.23 -7.21 -40.90
N LYS B 336 13.51 -6.17 -40.44
CA LYS B 336 12.73 -6.28 -39.23
C LYS B 336 11.68 -7.38 -39.32
N ASN B 337 11.23 -7.68 -40.54
CA ASN B 337 10.16 -8.64 -40.78
C ASN B 337 10.66 -10.08 -40.84
N ASN B 338 11.96 -10.29 -40.97
CA ASN B 338 12.53 -11.61 -41.19
C ASN B 338 13.16 -12.09 -39.88
N ILE B 339 12.58 -13.16 -39.31
CA ILE B 339 13.09 -13.73 -38.08
C ILE B 339 14.55 -14.20 -38.24
N CYS B 340 14.98 -14.48 -39.47
CA CYS B 340 16.38 -14.85 -39.69
C CYS B 340 17.32 -13.71 -39.34
N SER B 341 16.84 -12.46 -39.43
CA SER B 341 17.66 -11.32 -39.06
C SER B 341 18.05 -11.34 -37.59
N TYR B 342 17.31 -12.08 -36.76
CA TYR B 342 17.51 -12.05 -35.31
C TYR B 342 18.37 -13.20 -34.79
N VAL B 343 18.69 -14.18 -35.63
CA VAL B 343 19.37 -15.38 -35.13
C VAL B 343 20.81 -15.07 -34.72
N ASP B 344 21.48 -14.15 -35.42
CA ASP B 344 22.88 -13.85 -35.12
C ASP B 344 23.06 -12.52 -34.42
N LEU B 345 22.00 -11.97 -33.86
CA LEU B 345 22.09 -10.76 -33.05
C LEU B 345 22.15 -11.12 -31.58
N MET B 346 22.71 -10.21 -30.78
CA MET B 346 22.70 -10.34 -29.33
C MET B 346 21.52 -9.58 -28.74
N LEU B 347 21.34 -8.32 -29.12
CA LEU B 347 20.17 -7.56 -28.72
C LEU B 347 19.81 -6.56 -29.81
N VAL B 348 18.58 -6.07 -29.74
N VAL B 348 18.57 -6.10 -29.76
CA VAL B 348 18.06 -5.05 -30.66
CA VAL B 348 18.08 -5.04 -30.64
C VAL B 348 17.24 -4.05 -29.85
C VAL B 348 17.29 -4.04 -29.81
N HIS B 349 17.47 -2.76 -30.11
CA HIS B 349 16.74 -1.69 -29.45
C HIS B 349 16.01 -0.90 -30.53
N SER B 350 14.74 -0.58 -30.32
CA SER B 350 13.96 -0.98 -29.16
C SER B 350 12.71 -1.76 -29.59
N ARG B 351 12.08 -2.44 -28.65
CA ARG B 351 10.95 -3.32 -28.97
C ARG B 351 9.90 -3.21 -27.89
N LYS B 352 8.63 -3.12 -28.31
CA LYS B 352 7.49 -3.11 -27.42
C LYS B 352 7.26 -4.50 -26.82
N PRO B 353 6.55 -4.56 -25.68
CA PRO B 353 6.25 -5.88 -25.07
C PRO B 353 5.64 -6.88 -26.04
N GLN B 354 4.66 -6.46 -26.85
CA GLN B 354 4.06 -7.36 -27.83
C GLN B 354 5.10 -7.85 -28.82
N GLU B 355 6.03 -6.98 -29.23
CA GLU B 355 7.03 -7.35 -30.21
C GLU B 355 8.04 -8.35 -29.65
N MET B 356 8.41 -8.19 -28.38
CA MET B 356 9.34 -9.14 -27.77
C MET B 356 8.76 -10.55 -27.77
N ILE B 357 7.47 -10.67 -27.49
CA ILE B 357 6.86 -11.99 -27.45
C ILE B 357 6.72 -12.56 -28.84
N ASP B 358 6.39 -11.71 -29.82
CA ASP B 358 6.26 -12.19 -31.20
C ASP B 358 7.60 -12.68 -31.72
N ILE B 359 8.67 -11.91 -31.52
CA ILE B 359 9.98 -12.32 -32.01
C ILE B 359 10.45 -13.58 -31.31
N TRP B 360 10.28 -13.65 -29.99
CA TRP B 360 10.75 -14.82 -29.25
C TRP B 360 10.02 -16.08 -29.70
N SER B 361 8.70 -15.96 -29.92
CA SER B 361 7.91 -17.11 -30.36
C SER B 361 8.40 -17.61 -31.72
N GLN B 362 8.52 -16.70 -32.69
CA GLN B 362 9.04 -17.09 -34.01
C GLN B 362 10.44 -17.67 -33.92
N LEU B 363 11.27 -17.08 -33.05
CA LEU B 363 12.68 -17.48 -32.97
C LEU B 363 12.84 -18.95 -32.55
N GLN B 364 11.86 -19.52 -31.85
CA GLN B 364 12.01 -20.88 -31.36
C GLN B 364 12.10 -21.91 -32.50
N SER B 365 11.49 -21.61 -33.64
CA SER B 365 11.58 -22.49 -34.80
C SER B 365 12.37 -21.85 -35.95
N ALA B 366 13.14 -20.79 -35.67
CA ALA B 366 13.92 -20.14 -36.72
C ALA B 366 15.04 -21.03 -37.24
N HIS B 367 15.49 -22.01 -36.46
CA HIS B 367 16.53 -22.91 -36.95
C HIS B 367 16.03 -23.79 -38.10
N LEU B 368 14.72 -24.00 -38.21
CA LEU B 368 14.12 -24.77 -39.29
C LEU B 368 13.92 -23.97 -40.56
N LYS B 369 14.07 -22.65 -40.50
CA LYS B 369 13.81 -21.76 -41.63
C LYS B 369 15.03 -20.96 -42.05
N CYS B 370 16.03 -20.80 -41.19
CA CYS B 370 17.19 -19.98 -41.50
C CYS B 370 18.45 -20.82 -41.62
#